data_4EGJ
#
_entry.id   4EGJ
#
_cell.length_a   78.930
_cell.length_b   78.930
_cell.length_c   224.740
_cell.angle_alpha   90.000
_cell.angle_beta   90.000
_cell.angle_gamma   90.000
#
_symmetry.space_group_name_H-M   'P 43'
#
loop_
_entity.id
_entity.type
_entity.pdbx_description
1 polymer 'D-alanine--D-alanine ligase'
2 water water
#
_entity_poly.entity_id   1
_entity_poly.type   'polypeptide(L)'
_entity_poly.pdbx_seq_one_letter_code
;MAHHHHHHMGTLEAQTQGPGSMSSIDPKQFGKVAVLLGGNSAEREVSLNSGRLVLQGLRDAGIDAHPFDPAERPLAALKE
EGFVRAFNALHGGYGENGQIQGALDFYGIRYTGSGVLGSALGLDKFRTKLVWQQLGIPTPPFEAVLRGDDYEARAKEIVA
KLGLPLFVKPASEGSSVAVIKVKSADALPAALIEAVKFDRIVVVEKSIEGGGEYTACIAGNLDLPVIRIVPAGEFYDYHA
KYIANDTQYLIPCGLTADEEARLKVLARRAFDVLGCTDWGRADFMLDADGNPYFLEVNTAPGMTDHSLPPKAARAVGISY
QELVVAVLALTLKD
;
_entity_poly.pdbx_strand_id   A,B,C,D
#
# COMPACT_ATOMS: atom_id res chain seq x y z
N ILE A 25 -49.80 7.73 29.55
CA ILE A 25 -50.99 7.89 30.46
C ILE A 25 -51.42 6.56 31.09
N ASP A 26 -51.33 6.47 32.41
CA ASP A 26 -51.82 5.28 33.11
C ASP A 26 -53.33 5.14 32.84
N PRO A 27 -53.76 3.98 32.30
CA PRO A 27 -55.17 3.69 32.07
C PRO A 27 -56.09 3.95 33.27
N LYS A 28 -55.64 3.70 34.49
CA LYS A 28 -56.52 3.90 35.67
C LYS A 28 -56.87 5.37 35.85
N GLN A 29 -56.11 6.30 35.27
CA GLN A 29 -56.47 7.73 35.33
C GLN A 29 -57.81 8.03 34.70
N PHE A 30 -58.24 7.22 33.74
CA PHE A 30 -59.47 7.47 33.06
C PHE A 30 -60.68 7.02 33.87
N GLY A 31 -60.46 6.15 34.84
CA GLY A 31 -61.57 5.57 35.57
C GLY A 31 -62.48 4.76 34.68
N LYS A 32 -63.73 4.71 35.05
CA LYS A 32 -64.71 3.89 34.40
C LYS A 32 -65.37 4.72 33.29
N VAL A 33 -65.25 4.22 32.06
CA VAL A 33 -65.57 4.93 30.86
C VAL A 33 -66.77 4.29 30.16
N ALA A 34 -67.72 5.11 29.72
CA ALA A 34 -68.83 4.64 28.90
C ALA A 34 -68.50 4.99 27.47
N VAL A 35 -68.71 4.04 26.55
CA VAL A 35 -68.73 4.35 25.16
C VAL A 35 -70.18 4.48 24.76
N LEU A 36 -70.60 5.71 24.42
CA LEU A 36 -71.95 5.99 23.98
C LEU A 36 -72.05 5.60 22.52
N LEU A 37 -72.99 4.70 22.23
CA LEU A 37 -73.14 4.16 20.86
C LEU A 37 -74.59 3.73 20.58
N GLY A 38 -74.92 3.66 19.31
CA GLY A 38 -76.27 3.22 18.90
C GLY A 38 -77.22 4.41 18.79
N GLY A 39 -78.09 4.56 19.80
CA GLY A 39 -79.01 5.69 19.83
C GLY A 39 -80.18 5.43 18.94
N ASN A 40 -80.95 6.49 18.67
CA ASN A 40 -82.23 6.40 17.95
C ASN A 40 -82.22 7.03 16.53
N SER A 41 -81.16 7.73 16.16
CA SER A 41 -81.06 8.36 14.84
C SER A 41 -81.00 7.43 13.61
N ALA A 42 -81.12 8.06 12.46
CA ALA A 42 -80.97 7.40 11.20
C ALA A 42 -79.58 6.69 11.09
N GLU A 43 -78.57 7.24 11.75
CA GLU A 43 -77.23 6.72 11.66
C GLU A 43 -76.89 5.69 12.74
N ARG A 44 -77.91 5.09 13.34
CA ARG A 44 -77.70 4.10 14.39
C ARG A 44 -76.65 3.02 14.06
N GLU A 45 -76.72 2.47 12.84
CA GLU A 45 -75.90 1.34 12.45
C GLU A 45 -74.43 1.75 12.35
N VAL A 46 -74.15 2.91 11.80
CA VAL A 46 -72.79 3.40 11.77
C VAL A 46 -72.22 3.65 13.19
N SER A 47 -73.05 4.20 14.07
CA SER A 47 -72.67 4.37 15.47
C SER A 47 -72.35 3.07 16.22
N LEU A 48 -73.13 2.01 16.02
CA LEU A 48 -72.82 0.74 16.60
C LEU A 48 -71.44 0.28 16.12
N ASN A 49 -71.16 0.48 14.82
CA ASN A 49 -69.91 0.07 14.24
C ASN A 49 -68.80 0.93 14.87
N SER A 50 -68.97 2.26 14.96
CA SER A 50 -67.94 3.10 15.62
C SER A 50 -67.70 2.69 17.05
N GLY A 51 -68.79 2.55 17.78
CA GLY A 51 -68.74 2.28 19.18
C GLY A 51 -68.05 0.96 19.48
N ARG A 52 -68.38 -0.10 18.72
CA ARG A 52 -67.80 -1.40 18.98
C ARG A 52 -66.28 -1.31 18.87
N LEU A 53 -65.80 -0.56 17.88
CA LEU A 53 -64.36 -0.46 17.68
C LEU A 53 -63.68 0.45 18.70
N VAL A 54 -64.31 1.55 19.07
CA VAL A 54 -63.78 2.43 20.11
C VAL A 54 -63.64 1.63 21.42
N LEU A 55 -64.68 0.85 21.76
CA LEU A 55 -64.74 0.09 23.01
C LEU A 55 -63.57 -0.89 23.01
N GLN A 56 -63.35 -1.55 21.89
CA GLN A 56 -62.31 -2.55 21.82
C GLN A 56 -60.92 -1.91 21.96
N GLY A 57 -60.68 -0.80 21.28
CA GLY A 57 -59.42 -0.07 21.40
C GLY A 57 -59.14 0.41 22.80
N LEU A 58 -60.16 0.92 23.47
CA LEU A 58 -60.00 1.36 24.84
C LEU A 58 -59.67 0.16 25.74
N ARG A 59 -60.40 -0.92 25.60
CA ARG A 59 -60.17 -2.08 26.42
C ARG A 59 -58.79 -2.64 26.14
N ASP A 60 -58.32 -2.60 24.89
CA ASP A 60 -56.96 -3.10 24.58
C ASP A 60 -55.92 -2.22 25.21
N ALA A 61 -56.25 -0.96 25.46
CA ALA A 61 -55.28 -0.04 26.03
C ALA A 61 -55.34 -0.15 27.54
N GLY A 62 -56.22 -0.99 28.07
CA GLY A 62 -56.27 -1.27 29.51
C GLY A 62 -57.35 -0.47 30.21
N ILE A 63 -58.12 0.32 29.46
CA ILE A 63 -59.06 1.25 30.04
C ILE A 63 -60.36 0.53 30.41
N ASP A 64 -60.93 0.88 31.54
CA ASP A 64 -62.09 0.16 32.09
C ASP A 64 -63.33 0.69 31.35
N ALA A 65 -63.48 0.30 30.10
CA ALA A 65 -64.59 0.81 29.25
C ALA A 65 -65.73 -0.16 29.10
N HIS A 66 -66.92 0.36 28.83
CA HIS A 66 -68.13 -0.41 28.67
C HIS A 66 -69.04 0.25 27.70
N PRO A 67 -69.76 -0.53 26.88
CA PRO A 67 -70.76 0.10 26.00
C PRO A 67 -71.92 0.69 26.80
N PHE A 68 -72.56 1.71 26.27
CA PHE A 68 -73.74 2.29 26.86
C PHE A 68 -74.60 2.90 25.76
N ASP A 69 -75.70 2.22 25.43
CA ASP A 69 -76.56 2.63 24.35
C ASP A 69 -77.77 3.39 24.95
N PRO A 70 -77.88 4.71 24.70
CA PRO A 70 -78.95 5.47 25.35
C PRO A 70 -80.34 5.23 24.74
N ALA A 71 -80.43 4.49 23.65
CA ALA A 71 -81.73 4.00 23.18
C ALA A 71 -82.28 2.88 24.04
N GLU A 72 -81.43 2.24 24.85
CA GLU A 72 -81.77 1.03 25.55
C GLU A 72 -81.54 1.10 27.04
N ARG A 73 -80.74 2.06 27.52
CA ARG A 73 -80.47 2.21 28.96
C ARG A 73 -80.76 3.62 29.44
N PRO A 74 -81.22 3.76 30.69
CA PRO A 74 -81.60 5.12 31.12
C PRO A 74 -80.32 5.90 31.47
N LEU A 75 -80.28 7.15 31.03
CA LEU A 75 -79.10 7.99 31.23
C LEU A 75 -78.66 8.08 32.70
N ALA A 76 -79.61 7.99 33.63
CA ALA A 76 -79.25 8.05 35.07
C ALA A 76 -78.36 6.90 35.49
N ALA A 77 -78.37 5.79 34.73
CA ALA A 77 -77.56 4.64 35.11
C ALA A 77 -76.08 5.02 35.06
N LEU A 78 -75.72 6.03 34.27
CA LEU A 78 -74.33 6.44 34.20
C LEU A 78 -73.81 6.85 35.55
N LYS A 79 -74.52 7.76 36.22
CA LYS A 79 -74.10 8.25 37.55
C LYS A 79 -74.22 7.12 38.56
N GLU A 80 -75.35 6.43 38.54
CA GLU A 80 -75.58 5.36 39.50
C GLU A 80 -74.55 4.22 39.39
N GLU A 81 -73.99 3.98 38.21
CA GLU A 81 -73.00 2.93 38.07
C GLU A 81 -71.52 3.41 38.12
N GLY A 82 -71.29 4.68 38.48
CA GLY A 82 -69.94 5.19 38.70
C GLY A 82 -69.12 5.54 37.43
N PHE A 83 -69.80 5.66 36.30
CA PHE A 83 -69.15 6.11 35.11
C PHE A 83 -68.68 7.56 35.33
N VAL A 84 -67.42 7.83 35.07
CA VAL A 84 -66.91 9.20 35.25
C VAL A 84 -66.84 9.98 33.95
N ARG A 85 -66.75 9.28 32.84
CA ARG A 85 -66.59 9.95 31.52
C ARG A 85 -67.12 9.08 30.37
N ALA A 86 -67.37 9.70 29.22
CA ALA A 86 -67.86 9.00 28.06
C ALA A 86 -67.06 9.36 26.80
N PHE A 87 -66.81 8.36 25.97
CA PHE A 87 -66.41 8.57 24.60
C PHE A 87 -67.70 8.57 23.81
N ASN A 88 -68.03 9.70 23.23
CA ASN A 88 -69.24 9.79 22.43
C ASN A 88 -68.98 9.30 21.00
N ALA A 89 -69.54 8.15 20.68
CA ALA A 89 -69.47 7.59 19.29
C ALA A 89 -70.91 7.57 18.71
N LEU A 90 -71.78 8.45 19.19
CA LEU A 90 -73.12 8.58 18.59
C LEU A 90 -72.98 9.46 17.38
N HIS A 91 -73.88 9.28 16.42
CA HIS A 91 -73.90 10.10 15.22
C HIS A 91 -75.33 10.56 14.96
N GLY A 92 -75.46 11.83 14.60
CA GLY A 92 -76.78 12.44 14.34
C GLY A 92 -77.71 12.56 15.53
N GLY A 93 -78.78 13.35 15.34
CA GLY A 93 -79.84 13.50 16.36
C GLY A 93 -79.29 13.97 17.69
N TYR A 94 -79.82 13.41 18.78
CA TYR A 94 -79.47 13.88 20.12
C TYR A 94 -78.00 13.63 20.48
N GLY A 95 -77.36 12.69 19.79
CA GLY A 95 -75.95 12.47 20.06
C GLY A 95 -75.01 13.58 19.62
N GLU A 96 -75.48 14.44 18.72
CA GLU A 96 -74.65 15.41 18.03
C GLU A 96 -75.15 16.85 18.09
N ASN A 97 -76.38 17.04 18.55
CA ASN A 97 -77.04 18.38 18.52
C ASN A 97 -77.03 19.17 19.82
N GLY A 98 -76.31 18.66 20.81
CA GLY A 98 -76.19 19.31 22.11
C GLY A 98 -77.08 18.72 23.14
N GLN A 99 -78.04 17.86 22.76
CA GLN A 99 -79.00 17.35 23.74
CA GLN A 99 -79.00 17.36 23.73
C GLN A 99 -78.35 16.38 24.71
N ILE A 100 -77.63 15.39 24.17
CA ILE A 100 -76.97 14.42 25.09
C ILE A 100 -75.83 15.09 25.82
N GLN A 101 -75.17 16.04 25.15
CA GLN A 101 -74.09 16.80 25.80
C GLN A 101 -74.69 17.54 27.01
N GLY A 102 -75.84 18.17 26.83
CA GLY A 102 -76.41 18.92 27.95
C GLY A 102 -76.77 17.99 29.06
N ALA A 103 -77.34 16.84 28.74
CA ALA A 103 -77.83 15.95 29.77
C ALA A 103 -76.64 15.38 30.55
N LEU A 104 -75.55 15.11 29.86
CA LEU A 104 -74.32 14.60 30.53
C LEU A 104 -73.69 15.70 31.40
N ASP A 105 -73.69 16.94 30.92
CA ASP A 105 -73.16 18.06 31.73
C ASP A 105 -73.96 18.10 33.04
N PHE A 106 -75.27 17.90 32.92
CA PHE A 106 -76.14 17.97 34.09
C PHE A 106 -75.88 16.86 35.05
N TYR A 107 -75.48 15.69 34.56
CA TYR A 107 -75.20 14.56 35.46
C TYR A 107 -73.73 14.53 35.87
N GLY A 108 -72.95 15.53 35.48
CA GLY A 108 -71.54 15.61 35.89
C GLY A 108 -70.61 14.62 35.16
N ILE A 109 -71.00 14.17 33.97
CA ILE A 109 -70.23 13.15 33.22
C ILE A 109 -69.47 13.87 32.16
N ARG A 110 -68.17 13.76 32.20
CA ARG A 110 -67.36 14.37 31.15
C ARG A 110 -67.44 13.55 29.86
N TYR A 111 -67.25 14.21 28.74
CA TYR A 111 -67.38 13.51 27.44
C TYR A 111 -66.47 14.12 26.43
N THR A 112 -66.20 13.35 25.38
CA THR A 112 -65.33 13.78 24.32
C THR A 112 -66.03 14.81 23.45
N GLY A 113 -65.25 15.66 22.78
CA GLY A 113 -65.81 16.54 21.78
C GLY A 113 -66.43 17.79 22.34
N SER A 114 -67.39 18.35 21.62
CA SER A 114 -67.83 19.69 21.86
C SER A 114 -69.00 19.79 22.87
N GLY A 115 -69.09 20.90 23.58
CA GLY A 115 -70.14 21.14 24.55
C GLY A 115 -71.44 21.47 23.84
N VAL A 116 -72.37 21.98 24.61
CA VAL A 116 -73.70 22.21 24.13
C VAL A 116 -73.70 23.23 22.95
N LEU A 117 -73.06 24.37 23.12
CA LEU A 117 -73.15 25.41 22.07
C LEU A 117 -72.47 24.93 20.80
N GLY A 118 -71.26 24.44 20.94
CA GLY A 118 -70.51 23.95 19.77
C GLY A 118 -71.27 22.93 18.95
N SER A 119 -71.94 22.05 19.66
CA SER A 119 -72.66 20.96 18.98
C SER A 119 -73.92 21.50 18.33
N ALA A 120 -74.63 22.38 19.02
CA ALA A 120 -75.88 22.89 18.50
C ALA A 120 -75.60 23.73 17.25
N LEU A 121 -74.62 24.60 17.38
CA LEU A 121 -74.27 25.52 16.32
C LEU A 121 -73.65 24.75 15.17
N GLY A 122 -72.83 23.75 15.48
CA GLY A 122 -72.24 22.89 14.45
C GLY A 122 -73.18 22.12 13.57
N LEU A 123 -74.41 21.91 14.03
CA LEU A 123 -75.38 21.19 13.24
C LEU A 123 -76.27 22.16 12.50
N ASP A 124 -76.08 23.44 12.77
CA ASP A 124 -76.95 24.45 12.18
C ASP A 124 -76.14 25.18 11.10
N LYS A 125 -76.37 24.78 9.87
CA LYS A 125 -75.56 25.29 8.75
C LYS A 125 -75.78 26.77 8.52
N PHE A 126 -77.01 27.22 8.71
CA PHE A 126 -77.36 28.58 8.53
C PHE A 126 -76.57 29.50 9.48
N ARG A 127 -76.69 29.26 10.78
CA ARG A 127 -75.99 30.05 11.74
C ARG A 127 -74.48 29.85 11.74
N THR A 128 -74.01 28.65 11.40
CA THR A 128 -72.60 28.44 11.25
C THR A 128 -72.11 29.45 10.16
N LYS A 129 -72.80 29.53 9.05
CA LYS A 129 -72.34 30.34 7.93
C LYS A 129 -72.43 31.84 8.22
N LEU A 130 -73.44 32.27 8.97
CA LEU A 130 -73.52 33.65 9.45
C LEU A 130 -72.30 34.02 10.31
N VAL A 131 -71.93 33.15 11.24
CA VAL A 131 -70.79 33.39 12.14
C VAL A 131 -69.52 33.48 11.32
N TRP A 132 -69.36 32.56 10.39
CA TRP A 132 -68.20 32.58 9.52
C TRP A 132 -68.09 33.86 8.70
N GLN A 133 -69.17 34.21 8.04
CA GLN A 133 -69.16 35.39 7.18
C GLN A 133 -68.75 36.61 8.00
N GLN A 134 -69.27 36.73 9.21
CA GLN A 134 -69.02 37.92 10.02
C GLN A 134 -67.61 37.95 10.56
N LEU A 135 -66.96 36.82 10.71
CA LEU A 135 -65.60 36.75 11.24
C LEU A 135 -64.51 36.54 10.13
N GLY A 136 -64.88 36.81 8.88
CA GLY A 136 -63.99 36.54 7.71
C GLY A 136 -63.61 35.12 7.35
N ILE A 137 -64.23 34.09 7.94
CA ILE A 137 -63.94 32.72 7.55
C ILE A 137 -64.68 32.48 6.24
N PRO A 138 -63.95 32.17 5.17
CA PRO A 138 -64.64 32.17 3.88
C PRO A 138 -65.58 30.96 3.77
N THR A 139 -66.68 31.15 3.06
CA THR A 139 -67.72 30.15 2.98
C THR A 139 -68.56 30.51 1.75
N PRO A 140 -69.16 29.53 1.06
CA PRO A 140 -69.86 29.87 -0.17
C PRO A 140 -71.03 30.81 0.02
N PRO A 141 -71.18 31.79 -0.87
CA PRO A 141 -72.27 32.74 -0.75
C PRO A 141 -73.58 31.98 -0.79
N PHE A 142 -74.61 32.54 -0.20
CA PHE A 142 -75.86 31.80 -0.07
C PHE A 142 -77.07 32.73 0.26
N GLU A 143 -78.27 32.21 -0.02
CA GLU A 143 -79.52 32.82 0.42
C GLU A 143 -80.36 31.83 1.24
N ALA A 144 -81.04 32.34 2.25
CA ALA A 144 -81.92 31.56 3.07
C ALA A 144 -83.34 31.55 2.50
N VAL A 145 -83.98 30.39 2.55
CA VAL A 145 -85.41 30.23 2.15
C VAL A 145 -86.16 29.64 3.34
N LEU A 146 -87.31 30.22 3.66
CA LEU A 146 -88.07 29.87 4.86
C LEU A 146 -89.43 29.28 4.51
N ARG A 147 -89.75 28.16 5.14
CA ARG A 147 -91.08 27.57 5.04
C ARG A 147 -92.14 28.68 5.00
N GLY A 148 -92.82 28.80 3.85
CA GLY A 148 -93.86 29.77 3.69
C GLY A 148 -93.46 30.91 2.78
N ASP A 149 -92.23 30.91 2.28
CA ASP A 149 -91.83 31.96 1.34
C ASP A 149 -92.60 31.73 0.02
N ASP A 150 -92.66 32.75 -0.84
CA ASP A 150 -93.11 32.56 -2.23
C ASP A 150 -91.98 31.83 -2.96
N TYR A 151 -92.04 30.50 -2.93
CA TYR A 151 -90.95 29.66 -3.43
C TYR A 151 -90.56 30.01 -4.88
N GLU A 152 -91.56 30.20 -5.73
CA GLU A 152 -91.38 30.57 -7.14
C GLU A 152 -90.69 31.93 -7.29
N ALA A 153 -91.00 32.89 -6.42
CA ALA A 153 -90.35 34.21 -6.46
C ALA A 153 -88.85 34.10 -6.17
N ARG A 154 -88.55 33.57 -4.99
CA ARG A 154 -87.20 33.45 -4.46
C ARG A 154 -86.28 32.77 -5.46
N ALA A 155 -86.74 31.64 -6.00
CA ALA A 155 -85.96 30.90 -6.97
C ALA A 155 -85.45 31.87 -8.00
N LYS A 156 -86.35 32.66 -8.57
CA LYS A 156 -85.96 33.62 -9.59
C LYS A 156 -84.82 34.54 -9.08
N GLU A 157 -85.03 35.16 -7.92
CA GLU A 157 -84.09 36.14 -7.37
C GLU A 157 -82.74 35.47 -7.02
N ILE A 158 -82.81 34.24 -6.49
CA ILE A 158 -81.63 33.53 -6.04
C ILE A 158 -80.70 33.14 -7.19
N VAL A 159 -81.28 32.68 -8.32
CA VAL A 159 -80.48 32.26 -9.49
C VAL A 159 -79.89 33.50 -10.13
N ALA A 160 -80.66 34.58 -10.13
CA ALA A 160 -80.20 35.84 -10.69
C ALA A 160 -79.01 36.31 -9.87
N LYS A 161 -79.20 36.43 -8.55
CA LYS A 161 -78.16 36.93 -7.64
C LYS A 161 -76.95 36.00 -7.51
N LEU A 162 -77.11 34.67 -7.54
CA LEU A 162 -75.99 33.75 -7.18
C LEU A 162 -75.42 32.92 -8.30
N GLY A 163 -76.24 32.54 -9.28
CA GLY A 163 -75.83 31.68 -10.39
C GLY A 163 -76.23 30.25 -10.20
N LEU A 164 -75.86 29.39 -11.14
CA LEU A 164 -76.01 27.93 -11.02
C LEU A 164 -74.63 27.29 -11.20
N PRO A 165 -74.45 26.04 -10.76
CA PRO A 165 -75.37 25.24 -9.96
C PRO A 165 -75.42 25.66 -8.48
N LEU A 166 -76.49 25.24 -7.79
CA LEU A 166 -76.70 25.54 -6.36
C LEU A 166 -76.90 24.26 -5.59
N PHE A 167 -76.61 24.29 -4.30
CA PHE A 167 -76.99 23.20 -3.41
C PHE A 167 -78.13 23.69 -2.50
N VAL A 168 -79.17 22.86 -2.34
CA VAL A 168 -80.26 23.14 -1.40
C VAL A 168 -80.08 22.24 -0.17
N LYS A 169 -79.75 22.86 0.97
CA LYS A 169 -79.27 22.16 2.17
C LYS A 169 -80.20 22.52 3.33
N PRO A 170 -80.89 21.53 3.88
CA PRO A 170 -81.70 21.98 5.00
C PRO A 170 -80.81 22.35 6.18
N ALA A 171 -81.14 23.42 6.90
CA ALA A 171 -80.27 23.95 7.98
C ALA A 171 -79.72 22.92 9.00
N SER A 172 -80.62 22.21 9.72
CA SER A 172 -80.24 21.26 10.80
C SER A 172 -80.44 19.75 10.47
N ILE A 180 -79.61 17.93 -2.07
CA ILE A 180 -80.11 18.15 -3.42
C ILE A 180 -79.30 19.20 -4.20
N LYS A 181 -78.53 18.79 -5.22
CA LYS A 181 -77.88 19.74 -6.15
C LYS A 181 -78.84 20.11 -7.28
N VAL A 182 -78.92 21.41 -7.59
CA VAL A 182 -79.83 21.92 -8.62
C VAL A 182 -79.05 22.59 -9.75
N LYS A 183 -79.24 22.12 -10.99
CA LYS A 183 -78.43 22.61 -12.13
C LYS A 183 -79.17 23.54 -13.10
N SER A 184 -80.51 23.55 -13.10
CA SER A 184 -81.33 24.46 -13.93
C SER A 184 -82.24 25.35 -13.08
N ALA A 185 -82.56 26.54 -13.57
CA ALA A 185 -83.41 27.48 -12.82
C ALA A 185 -84.80 26.92 -12.46
N ASP A 186 -85.49 26.28 -13.42
CA ASP A 186 -86.89 25.83 -13.18
C ASP A 186 -87.01 24.59 -12.26
N ALA A 187 -85.90 23.93 -11.95
CA ALA A 187 -85.89 22.77 -11.01
C ALA A 187 -85.82 23.18 -9.53
N LEU A 188 -85.45 24.44 -9.28
CA LEU A 188 -85.23 24.95 -7.93
C LEU A 188 -86.50 25.00 -7.06
N PRO A 189 -87.62 25.54 -7.61
CA PRO A 189 -88.91 25.56 -6.90
C PRO A 189 -89.30 24.25 -6.24
N ALA A 190 -89.20 23.15 -7.00
CA ALA A 190 -89.59 21.83 -6.50
C ALA A 190 -88.69 21.39 -5.37
N ALA A 191 -87.43 21.77 -5.47
CA ALA A 191 -86.42 21.40 -4.47
C ALA A 191 -86.57 22.24 -3.22
N LEU A 192 -86.96 23.51 -3.38
CA LEU A 192 -87.27 24.38 -2.24
C LEU A 192 -88.52 23.84 -1.51
N ILE A 193 -89.57 23.50 -2.27
CA ILE A 193 -90.78 22.87 -1.73
C ILE A 193 -90.45 21.56 -0.96
N GLU A 194 -89.59 20.73 -1.52
CA GLU A 194 -89.23 19.46 -0.91
C GLU A 194 -88.34 19.62 0.34
N ALA A 195 -87.37 20.54 0.29
CA ALA A 195 -86.42 20.71 1.39
C ALA A 195 -87.02 21.43 2.60
N VAL A 196 -88.01 22.29 2.39
CA VAL A 196 -88.77 22.89 3.50
C VAL A 196 -89.67 21.87 4.25
N LYS A 197 -89.75 20.64 3.76
CA LYS A 197 -90.45 19.55 4.45
C LYS A 197 -89.59 19.01 5.61
N PHE A 198 -88.28 19.22 5.51
CA PHE A 198 -87.31 18.72 6.48
C PHE A 198 -86.79 19.79 7.49
N ASP A 199 -87.02 21.08 7.21
CA ASP A 199 -86.55 22.17 8.09
C ASP A 199 -87.31 23.44 7.74
N ARG A 200 -87.59 24.29 8.72
CA ARG A 200 -88.25 25.58 8.46
C ARG A 200 -87.28 26.60 7.78
N ILE A 201 -85.97 26.31 7.87
CA ILE A 201 -84.92 27.17 7.26
C ILE A 201 -84.09 26.36 6.27
N VAL A 202 -84.05 26.84 5.03
CA VAL A 202 -83.29 26.18 3.93
C VAL A 202 -82.20 27.07 3.37
N VAL A 203 -80.98 26.58 3.39
CA VAL A 203 -79.82 27.27 2.84
C VAL A 203 -79.61 26.90 1.38
N VAL A 204 -79.74 27.88 0.49
CA VAL A 204 -79.44 27.71 -0.94
C VAL A 204 -78.07 28.27 -1.24
N GLU A 205 -77.12 27.38 -1.51
CA GLU A 205 -75.70 27.70 -1.51
C GLU A 205 -75.08 27.58 -2.91
N LYS A 206 -74.27 28.56 -3.27
CA LYS A 206 -73.56 28.52 -4.57
C LYS A 206 -72.50 27.39 -4.56
N SER A 207 -72.43 26.60 -5.62
CA SER A 207 -71.43 25.53 -5.69
C SER A 207 -70.09 26.10 -6.16
N ILE A 208 -69.03 25.63 -5.53
CA ILE A 208 -67.67 26.02 -5.86
C ILE A 208 -67.11 24.94 -6.80
N GLU A 209 -66.64 25.36 -7.97
CA GLU A 209 -66.20 24.49 -9.04
C GLU A 209 -64.68 24.55 -9.23
N GLY A 210 -64.09 23.45 -9.74
CA GLY A 210 -62.75 23.48 -10.30
C GLY A 210 -61.59 23.19 -9.35
N GLY A 211 -61.88 22.89 -8.07
CA GLY A 211 -60.81 22.63 -7.11
C GLY A 211 -60.81 21.36 -6.25
N GLY A 212 -61.99 20.83 -5.96
CA GLY A 212 -62.13 19.65 -5.13
C GLY A 212 -62.77 19.92 -3.78
N GLU A 213 -63.18 18.84 -3.13
CA GLU A 213 -63.69 18.89 -1.78
C GLU A 213 -62.66 18.26 -0.80
N TYR A 214 -62.45 18.92 0.34
CA TYR A 214 -61.48 18.45 1.36
C TYR A 214 -62.03 18.45 2.78
N THR A 215 -61.31 17.80 3.70
CA THR A 215 -61.65 17.81 5.10
C THR A 215 -60.36 17.75 5.89
N ALA A 216 -60.33 18.47 7.03
CA ALA A 216 -59.26 18.49 7.98
C ALA A 216 -59.82 17.89 9.25
N CYS A 217 -59.25 16.76 9.67
CA CYS A 217 -59.62 16.11 10.94
CA CYS A 217 -59.64 16.12 10.92
C CYS A 217 -58.87 16.78 12.06
N ILE A 218 -59.58 17.01 13.15
CA ILE A 218 -59.07 17.74 14.27
C ILE A 218 -59.15 16.82 15.47
N ALA A 219 -58.04 16.67 16.16
CA ALA A 219 -57.93 15.76 17.33
C ALA A 219 -56.82 16.33 18.18
N GLY A 220 -57.23 17.17 19.12
CA GLY A 220 -56.29 17.89 19.96
C GLY A 220 -55.24 18.59 19.11
N ASN A 221 -53.98 18.41 19.51
CA ASN A 221 -52.82 18.93 18.79
C ASN A 221 -52.17 17.86 17.89
N LEU A 222 -52.86 16.74 17.64
CA LEU A 222 -52.32 15.78 16.69
C LEU A 222 -52.28 16.46 15.32
N ASP A 223 -51.20 16.27 14.59
CA ASP A 223 -51.02 16.88 13.26
C ASP A 223 -51.48 15.86 12.21
N LEU A 224 -52.71 16.01 11.75
CA LEU A 224 -53.28 15.06 10.83
C LEU A 224 -53.34 15.67 9.42
N PRO A 225 -53.10 14.84 8.39
CA PRO A 225 -53.15 15.37 7.03
C PRO A 225 -54.55 15.65 6.51
N VAL A 226 -54.60 16.58 5.57
CA VAL A 226 -55.83 16.95 4.86
C VAL A 226 -56.18 15.78 3.98
N ILE A 227 -57.47 15.46 3.93
CA ILE A 227 -57.99 14.39 3.10
C ILE A 227 -58.84 15.00 1.98
N ARG A 228 -58.67 14.50 0.78
CA ARG A 228 -59.56 14.88 -0.30
C ARG A 228 -60.68 13.86 -0.39
N ILE A 229 -61.90 14.35 -0.56
CA ILE A 229 -63.09 13.53 -0.63
C ILE A 229 -63.58 13.48 -2.05
N VAL A 230 -63.60 12.28 -2.63
CA VAL A 230 -64.06 12.08 -3.97
C VAL A 230 -65.45 11.43 -3.91
N PRO A 231 -66.47 12.16 -4.34
CA PRO A 231 -67.77 11.50 -4.40
C PRO A 231 -67.96 10.70 -5.70
N GLN A 248 -64.61 8.04 -1.98
CA GLN A 248 -63.41 7.63 -1.29
C GLN A 248 -62.72 8.85 -0.64
N TYR A 249 -61.77 8.50 0.21
CA TYR A 249 -61.00 9.42 0.98
C TYR A 249 -59.55 9.35 0.51
N LEU A 250 -58.98 10.47 0.09
CA LEU A 250 -57.75 10.42 -0.69
C LEU A 250 -56.62 11.10 0.06
N ILE A 251 -55.59 10.31 0.37
CA ILE A 251 -54.34 10.80 0.97
C ILE A 251 -53.22 10.26 0.08
N PRO A 252 -52.30 11.11 -0.41
CA PRO A 252 -52.19 12.55 -0.19
C PRO A 252 -53.34 13.30 -0.82
N CYS A 253 -53.73 14.39 -0.20
CA CYS A 253 -54.86 15.17 -0.73
C CYS A 253 -54.51 15.86 -2.06
N GLY A 254 -53.21 15.96 -2.35
CA GLY A 254 -52.75 16.52 -3.61
C GLY A 254 -52.41 18.02 -3.60
N LEU A 255 -52.51 18.64 -2.44
CA LEU A 255 -52.02 20.00 -2.23
C LEU A 255 -50.55 20.05 -1.79
N THR A 256 -49.90 21.19 -1.96
CA THR A 256 -48.54 21.37 -1.46
C THR A 256 -48.51 21.39 0.08
N ALA A 257 -47.37 20.98 0.65
CA ALA A 257 -47.21 20.96 2.11
C ALA A 257 -47.48 22.35 2.71
N ASP A 258 -47.04 23.41 2.07
CA ASP A 258 -47.34 24.77 2.53
C ASP A 258 -48.80 25.11 2.50
N GLU A 259 -49.50 24.79 1.42
CA GLU A 259 -50.94 25.00 1.40
C GLU A 259 -51.68 24.17 2.44
N GLU A 260 -51.27 22.91 2.59
CA GLU A 260 -51.87 22.01 3.54
C GLU A 260 -51.72 22.58 4.96
N ALA A 261 -50.51 23.02 5.30
CA ALA A 261 -50.22 23.62 6.60
C ALA A 261 -51.09 24.86 6.86
N ARG A 262 -51.21 25.76 5.88
CA ARG A 262 -52.03 26.95 6.15
C ARG A 262 -53.55 26.65 6.19
N LEU A 263 -54.01 25.74 5.34
CA LEU A 263 -55.41 25.33 5.40
C LEU A 263 -55.79 24.65 6.72
N LYS A 264 -54.87 23.89 7.33
CA LYS A 264 -55.17 23.27 8.60
C LYS A 264 -55.36 24.27 9.74
N VAL A 265 -54.53 25.32 9.76
CA VAL A 265 -54.69 26.39 10.76
C VAL A 265 -56.02 27.11 10.58
N LEU A 266 -56.36 27.37 9.31
CA LEU A 266 -57.61 28.04 8.97
C LEU A 266 -58.82 27.19 9.29
N ALA A 267 -58.73 25.91 8.96
CA ALA A 267 -59.75 24.93 9.31
C ALA A 267 -60.01 24.88 10.83
N ARG A 268 -58.92 24.83 11.59
CA ARG A 268 -59.02 24.72 13.06
C ARG A 268 -59.68 26.00 13.60
N ARG A 269 -59.43 27.15 12.98
CA ARG A 269 -60.08 28.37 13.38
C ARG A 269 -61.60 28.35 13.06
N ALA A 270 -61.94 27.88 11.87
CA ALA A 270 -63.35 27.77 11.48
C ALA A 270 -64.16 26.92 12.46
N PHE A 271 -63.51 25.86 12.94
CA PHE A 271 -64.05 24.97 13.95
C PHE A 271 -64.13 25.66 15.30
N ASP A 272 -63.03 26.23 15.75
CA ASP A 272 -63.02 26.85 17.11
C ASP A 272 -64.00 28.05 17.28
N VAL A 273 -64.14 28.91 16.26
CA VAL A 273 -64.98 30.08 16.39
C VAL A 273 -66.47 29.74 16.61
N LEU A 274 -66.91 28.53 16.30
CA LEU A 274 -68.27 28.12 16.55
C LEU A 274 -68.51 27.60 17.97
N GLY A 275 -67.48 27.52 18.79
CA GLY A 275 -67.56 26.92 20.12
C GLY A 275 -67.20 25.45 20.14
N CYS A 276 -66.88 24.86 18.99
CA CYS A 276 -66.51 23.47 18.94
C CYS A 276 -65.11 23.31 19.52
N THR A 277 -64.86 22.21 20.23
CA THR A 277 -63.53 21.99 20.79
C THR A 277 -63.06 20.56 20.53
N ASP A 278 -61.76 20.39 20.33
CA ASP A 278 -61.03 19.15 20.63
C ASP A 278 -61.09 18.03 19.59
N TRP A 279 -62.25 17.80 19.02
CA TRP A 279 -62.46 16.62 18.21
C TRP A 279 -63.54 16.84 17.19
N GLY A 280 -63.21 16.67 15.93
CA GLY A 280 -64.18 16.83 14.84
C GLY A 280 -63.53 16.96 13.47
N ARG A 281 -64.29 17.53 12.52
CA ARG A 281 -63.79 17.80 11.16
C ARG A 281 -64.34 19.09 10.66
N ALA A 282 -63.59 19.77 9.80
CA ALA A 282 -64.07 20.96 9.08
C ALA A 282 -63.95 20.64 7.61
N ASP A 283 -65.04 20.67 6.87
CA ASP A 283 -65.05 20.37 5.46
C ASP A 283 -64.99 21.68 4.65
N PHE A 284 -64.30 21.64 3.52
CA PHE A 284 -64.17 22.80 2.63
C PHE A 284 -63.98 22.44 1.18
N MET A 285 -64.32 23.40 0.31
CA MET A 285 -64.13 23.30 -1.12
C MET A 285 -62.95 24.19 -1.45
N LEU A 286 -62.23 23.88 -2.52
CA LEU A 286 -61.27 24.79 -3.11
C LEU A 286 -61.84 25.15 -4.46
N ASP A 287 -61.72 26.41 -4.85
CA ASP A 287 -62.02 26.80 -6.23
C ASP A 287 -60.80 26.53 -7.14
N ALA A 288 -60.89 26.95 -8.40
CA ALA A 288 -59.84 26.62 -9.39
C ALA A 288 -58.49 27.28 -9.06
N ASP A 289 -58.47 28.38 -8.31
CA ASP A 289 -57.24 29.01 -7.93
C ASP A 289 -56.73 28.60 -6.55
N GLY A 290 -57.40 27.64 -5.91
CA GLY A 290 -56.99 27.21 -4.57
C GLY A 290 -57.55 28.04 -3.39
N ASN A 291 -58.51 28.95 -3.62
CA ASN A 291 -59.20 29.67 -2.52
C ASN A 291 -60.16 28.72 -1.80
N PRO A 292 -60.08 28.68 -0.48
CA PRO A 292 -60.90 27.74 0.24
C PRO A 292 -62.23 28.36 0.60
N TYR A 293 -63.27 27.52 0.65
CA TYR A 293 -64.58 27.90 1.19
C TYR A 293 -65.09 26.81 2.10
N PHE A 294 -65.26 27.13 3.37
CA PHE A 294 -65.73 26.15 4.38
C PHE A 294 -67.21 25.90 4.29
N LEU A 295 -67.56 24.63 4.39
CA LEU A 295 -68.91 24.16 4.17
C LEU A 295 -69.62 23.93 5.47
N GLU A 296 -68.98 23.18 6.36
CA GLU A 296 -69.58 22.82 7.63
C GLU A 296 -68.57 22.12 8.49
N VAL A 297 -68.92 21.93 9.76
CA VAL A 297 -68.12 21.15 10.68
C VAL A 297 -68.90 19.93 11.10
N ASN A 298 -68.21 18.98 11.68
CA ASN A 298 -68.77 17.77 12.18
C ASN A 298 -68.18 17.57 13.54
N THR A 299 -69.04 17.46 14.54
CA THR A 299 -68.59 17.39 15.93
C THR A 299 -68.70 15.96 16.53
N ALA A 300 -69.00 14.96 15.69
CA ALA A 300 -69.13 13.55 16.12
C ALA A 300 -68.65 12.63 14.99
N PRO A 301 -67.35 12.63 14.67
CA PRO A 301 -66.88 11.93 13.48
C PRO A 301 -66.88 10.42 13.64
N GLY A 302 -67.02 9.71 12.52
CA GLY A 302 -67.09 8.27 12.51
C GLY A 302 -65.80 7.72 13.04
N MET A 303 -65.91 6.58 13.70
CA MET A 303 -64.77 5.85 14.16
C MET A 303 -64.85 4.39 13.74
N THR A 304 -65.47 4.15 12.59
CA THR A 304 -65.41 2.82 11.98
C THR A 304 -64.03 2.61 11.41
N ASP A 305 -63.73 1.39 10.98
CA ASP A 305 -62.44 1.12 10.34
C ASP A 305 -62.28 1.84 9.00
N HIS A 306 -63.42 2.19 8.37
CA HIS A 306 -63.42 2.89 7.06
C HIS A 306 -63.75 4.37 7.23
N SER A 307 -63.73 4.93 8.47
CA SER A 307 -64.03 6.36 8.68
C SER A 307 -62.82 7.26 8.50
N LEU A 308 -63.05 8.56 8.40
CA LEU A 308 -62.00 9.49 8.08
C LEU A 308 -60.87 9.55 9.09
N PRO A 309 -61.19 9.74 10.39
CA PRO A 309 -60.08 9.99 11.31
C PRO A 309 -59.11 8.82 11.47
N PRO A 310 -59.61 7.59 11.53
CA PRO A 310 -58.65 6.47 11.51
C PRO A 310 -57.75 6.50 10.30
N LYS A 311 -58.29 6.91 9.14
CA LYS A 311 -57.48 6.91 7.90
C LYS A 311 -56.44 8.04 7.92
N ALA A 312 -56.86 9.22 8.37
CA ALA A 312 -55.92 10.29 8.64
C ALA A 312 -54.81 9.89 9.65
N ALA A 313 -55.18 9.31 10.77
CA ALA A 313 -54.22 8.85 11.77
C ALA A 313 -53.24 7.83 11.23
N ARG A 314 -53.73 6.76 10.61
CA ARG A 314 -52.85 5.71 10.10
CA ARG A 314 -52.85 5.72 10.08
C ARG A 314 -51.83 6.30 9.10
N ALA A 315 -52.27 7.26 8.29
CA ALA A 315 -51.40 7.81 7.25
C ALA A 315 -50.11 8.46 7.79
N VAL A 316 -50.15 8.96 9.04
CA VAL A 316 -48.94 9.50 9.67
C VAL A 316 -48.48 8.64 10.84
N GLY A 317 -48.77 7.35 10.79
CA GLY A 317 -48.18 6.38 11.73
C GLY A 317 -48.85 6.36 13.09
N ILE A 318 -50.07 6.93 13.23
CA ILE A 318 -50.76 6.89 14.52
C ILE A 318 -51.81 5.80 14.47
N SER A 319 -51.74 4.84 15.38
CA SER A 319 -52.64 3.69 15.32
C SER A 319 -54.09 4.05 15.77
N TYR A 320 -55.06 3.19 15.44
CA TYR A 320 -56.43 3.38 15.85
C TYR A 320 -56.52 3.56 17.37
N GLN A 321 -55.90 2.63 18.09
CA GLN A 321 -55.84 2.66 19.54
C GLN A 321 -55.28 3.97 20.06
N GLU A 322 -54.18 4.45 19.48
CA GLU A 322 -53.57 5.71 19.95
C GLU A 322 -54.51 6.88 19.71
N LEU A 323 -55.22 6.85 18.59
CA LEU A 323 -56.20 7.92 18.25
C LEU A 323 -57.30 8.00 19.30
N VAL A 324 -57.88 6.85 19.65
CA VAL A 324 -59.00 6.82 20.61
C VAL A 324 -58.55 7.26 22.01
N VAL A 325 -57.39 6.79 22.44
CA VAL A 325 -56.82 7.17 23.72
C VAL A 325 -56.53 8.67 23.74
N ALA A 326 -55.95 9.19 22.69
CA ALA A 326 -55.65 10.63 22.67
C ALA A 326 -56.94 11.49 22.70
N VAL A 327 -57.99 11.07 22.04
CA VAL A 327 -59.23 11.81 22.02
C VAL A 327 -59.92 11.74 23.37
N LEU A 328 -59.88 10.57 24.02
CA LEU A 328 -60.37 10.46 25.40
C LEU A 328 -59.48 11.27 26.39
N ALA A 329 -58.18 11.32 26.15
CA ALA A 329 -57.24 12.06 27.01
C ALA A 329 -57.61 13.54 27.16
N LEU A 330 -58.23 14.12 26.11
CA LEU A 330 -58.62 15.55 26.17
C LEU A 330 -59.69 15.82 27.22
N THR A 331 -60.45 14.79 27.63
CA THR A 331 -61.46 14.91 28.69
C THR A 331 -60.84 14.92 30.10
N LEU A 332 -59.55 14.67 30.19
CA LEU A 332 -58.79 14.83 31.46
C LEU A 332 -58.38 16.29 31.65
N ILE B 25 39.78 -53.81 4.59
CA ILE B 25 38.68 -53.55 5.61
C ILE B 25 38.18 -54.86 6.20
N ASP B 26 38.26 -54.99 7.53
CA ASP B 26 37.68 -56.13 8.21
C ASP B 26 36.18 -56.15 7.91
N PRO B 27 35.68 -57.28 7.36
CA PRO B 27 34.25 -57.50 7.13
C PRO B 27 33.33 -57.16 8.31
N LYS B 28 33.79 -57.41 9.53
CA LYS B 28 32.96 -57.14 10.71
C LYS B 28 32.63 -55.66 10.83
N GLN B 29 33.45 -54.78 10.24
CA GLN B 29 33.17 -53.34 10.28
C GLN B 29 31.85 -52.98 9.64
N PHE B 30 31.39 -53.79 8.69
CA PHE B 30 30.13 -53.51 8.02
C PHE B 30 28.91 -53.86 8.85
N GLY B 31 29.07 -54.71 9.87
CA GLY B 31 27.94 -55.22 10.63
C GLY B 31 27.00 -56.03 9.76
N LYS B 32 25.71 -55.95 10.11
CA LYS B 32 24.68 -56.71 9.48
C LYS B 32 24.09 -55.88 8.36
N VAL B 33 24.19 -56.40 7.14
CA VAL B 33 23.89 -55.69 5.90
C VAL B 33 22.66 -56.29 5.18
N ALA B 34 21.78 -55.41 4.71
CA ALA B 34 20.62 -55.84 3.90
C ALA B 34 20.98 -55.55 2.48
N VAL B 35 20.69 -56.49 1.59
CA VAL B 35 20.69 -56.22 0.20
C VAL B 35 19.25 -56.00 -0.24
N LEU B 36 18.95 -54.77 -0.66
CA LEU B 36 17.59 -54.43 -1.08
C LEU B 36 17.43 -54.83 -2.53
N LEU B 37 16.43 -55.66 -2.82
CA LEU B 37 16.27 -56.24 -4.13
C LEU B 37 14.81 -56.63 -4.42
N GLY B 38 14.49 -56.68 -5.71
CA GLY B 38 13.11 -57.03 -6.10
C GLY B 38 12.23 -55.79 -6.26
N GLY B 39 11.36 -55.57 -5.29
CA GLY B 39 10.53 -54.37 -5.30
C GLY B 39 9.36 -54.54 -6.23
N ASN B 40 8.68 -53.43 -6.56
CA ASN B 40 7.42 -53.49 -7.29
C ASN B 40 7.53 -52.93 -8.71
N SER B 41 8.64 -52.31 -9.06
CA SER B 41 8.78 -51.69 -10.36
C SER B 41 8.80 -52.65 -11.57
N ALA B 42 8.72 -52.03 -12.75
CA ALA B 42 8.84 -52.75 -14.01
C ALA B 42 10.17 -53.53 -14.09
N GLU B 43 11.19 -53.01 -13.41
CA GLU B 43 12.49 -53.62 -13.45
C GLU B 43 12.73 -54.66 -12.36
N ARG B 44 11.67 -55.16 -11.74
CA ARG B 44 11.80 -56.12 -10.66
C ARG B 44 12.80 -57.29 -10.97
N GLU B 45 12.70 -57.89 -12.16
CA GLU B 45 13.47 -59.08 -12.47
C GLU B 45 14.96 -58.74 -12.57
N VAL B 46 15.30 -57.58 -13.13
CA VAL B 46 16.68 -57.17 -13.19
C VAL B 46 17.24 -56.92 -11.80
N SER B 47 16.43 -56.31 -10.95
CA SER B 47 16.80 -56.14 -9.53
C SER B 47 17.02 -57.44 -8.77
N LEU B 48 16.18 -58.45 -8.98
CA LEU B 48 16.45 -59.75 -8.38
C LEU B 48 17.85 -60.31 -8.84
N ASN B 49 18.17 -60.10 -10.11
CA ASN B 49 19.42 -60.56 -10.70
C ASN B 49 20.54 -59.75 -10.07
N SER B 50 20.45 -58.42 -10.02
CA SER B 50 21.51 -57.62 -9.38
C SER B 50 21.70 -58.03 -7.93
N GLY B 51 20.58 -58.06 -7.20
CA GLY B 51 20.59 -58.33 -5.78
C GLY B 51 21.18 -59.68 -5.42
N ARG B 52 20.80 -60.72 -6.17
CA ARG B 52 21.35 -62.06 -5.88
C ARG B 52 22.86 -62.02 -6.00
N LEU B 53 23.37 -61.34 -7.02
CA LEU B 53 24.81 -61.31 -7.24
C LEU B 53 25.55 -60.40 -6.22
N VAL B 54 24.94 -59.29 -5.84
CA VAL B 54 25.52 -58.41 -4.82
C VAL B 54 25.58 -59.19 -3.53
N LEU B 55 24.52 -59.91 -3.19
CA LEU B 55 24.47 -60.71 -1.94
C LEU B 55 25.58 -61.71 -1.94
N GLN B 56 25.76 -62.40 -3.04
CA GLN B 56 26.74 -63.49 -3.10
C GLN B 56 28.16 -62.92 -3.02
N GLY B 57 28.43 -61.81 -3.69
CA GLY B 57 29.75 -61.14 -3.60
C GLY B 57 30.05 -60.66 -2.17
N LEU B 58 29.06 -60.06 -1.52
CA LEU B 58 29.28 -59.60 -0.16
C LEU B 58 29.56 -60.80 0.75
N ARG B 59 28.76 -61.86 0.62
CA ARG B 59 28.95 -63.04 1.47
C ARG B 59 30.33 -63.66 1.18
N ASP B 60 30.78 -63.66 -0.08
CA ASP B 60 32.11 -64.21 -0.42
C ASP B 60 33.21 -63.34 0.16
N ALA B 61 32.92 -62.07 0.42
CA ALA B 61 33.88 -61.20 1.04
C ALA B 61 33.91 -61.38 2.56
N GLY B 62 33.02 -62.21 3.10
CA GLY B 62 32.93 -62.43 4.53
C GLY B 62 31.90 -61.53 5.21
N ILE B 63 31.16 -60.71 4.45
CA ILE B 63 30.26 -59.74 5.05
C ILE B 63 28.92 -60.39 5.47
N ASP B 64 28.36 -59.99 6.60
CA ASP B 64 27.09 -60.59 7.14
C ASP B 64 25.87 -60.00 6.41
N ALA B 65 25.70 -60.36 5.14
CA ALA B 65 24.65 -59.83 4.29
C ALA B 65 23.47 -60.77 4.13
N HIS B 66 22.29 -60.19 3.90
CA HIS B 66 21.01 -60.91 3.79
C HIS B 66 20.08 -60.20 2.80
N PRO B 67 19.30 -60.94 2.00
CA PRO B 67 18.38 -60.29 1.09
C PRO B 67 17.23 -59.65 1.84
N PHE B 68 16.67 -58.61 1.27
CA PHE B 68 15.50 -57.95 1.84
C PHE B 68 14.71 -57.32 0.73
N ASP B 69 13.52 -57.89 0.47
CA ASP B 69 12.68 -57.43 -0.64
C ASP B 69 11.56 -56.54 -0.10
N PRO B 70 11.58 -55.24 -0.42
CA PRO B 70 10.55 -54.31 0.18
C PRO B 70 9.16 -54.38 -0.45
N ALA B 71 9.00 -55.11 -1.54
CA ALA B 71 7.65 -55.48 -2.01
C ALA B 71 6.97 -56.50 -1.10
N GLU B 72 7.72 -57.15 -0.22
CA GLU B 72 7.19 -58.28 0.57
C GLU B 72 7.37 -58.12 2.07
N ARG B 73 8.30 -57.27 2.50
CA ARG B 73 8.59 -57.12 3.94
C ARG B 73 8.48 -55.67 4.31
N PRO B 74 8.02 -55.38 5.52
CA PRO B 74 7.87 -53.95 5.86
C PRO B 74 9.23 -53.36 6.21
N LEU B 75 9.48 -52.14 5.78
CA LEU B 75 10.73 -51.45 5.99
C LEU B 75 11.18 -51.40 7.45
N ALA B 76 10.25 -51.36 8.37
CA ALA B 76 10.61 -51.36 9.80
C ALA B 76 11.31 -52.63 10.26
N ALA B 77 11.17 -53.72 9.54
CA ALA B 77 11.87 -54.97 9.90
C ALA B 77 13.37 -54.79 9.88
N LEU B 78 13.84 -53.85 9.07
CA LEU B 78 15.30 -53.61 8.99
C LEU B 78 15.80 -53.21 10.37
N LYS B 79 15.15 -52.24 11.00
CA LYS B 79 15.55 -51.78 12.33
C LYS B 79 15.32 -52.87 13.40
N GLU B 80 14.15 -53.48 13.35
CA GLU B 80 13.80 -54.54 14.30
C GLU B 80 14.80 -55.70 14.27
N GLU B 81 15.38 -55.99 13.11
CA GLU B 81 16.30 -57.12 13.02
C GLU B 81 17.79 -56.75 13.12
N GLY B 82 18.10 -55.50 13.45
CA GLY B 82 19.49 -55.08 13.70
C GLY B 82 20.34 -54.80 12.47
N PHE B 83 19.69 -54.64 11.30
CA PHE B 83 20.40 -54.25 10.09
C PHE B 83 20.93 -52.82 10.28
N VAL B 84 22.21 -52.60 10.04
CA VAL B 84 22.80 -51.28 10.24
C VAL B 84 22.91 -50.54 8.92
N ARG B 85 22.95 -51.26 7.80
CA ARG B 85 23.13 -50.64 6.51
C ARG B 85 22.56 -51.51 5.36
N ALA B 86 22.37 -50.90 4.20
CA ALA B 86 21.86 -51.60 3.05
C ALA B 86 22.69 -51.30 1.79
N PHE B 87 22.87 -52.33 0.97
CA PHE B 87 23.25 -52.12 -0.43
C PHE B 87 21.96 -52.07 -1.25
N ASN B 88 21.70 -50.92 -1.85
CA ASN B 88 20.50 -50.77 -2.68
C ASN B 88 20.74 -51.31 -4.11
N ALA B 89 20.16 -52.46 -4.42
CA ALA B 89 20.15 -53.06 -5.72
C ALA B 89 18.72 -53.02 -6.32
N LEU B 90 17.88 -52.08 -5.89
CA LEU B 90 16.58 -51.89 -6.53
C LEU B 90 16.80 -51.07 -7.76
N HIS B 91 15.89 -51.19 -8.73
CA HIS B 91 15.91 -50.33 -9.94
C HIS B 91 14.52 -49.79 -10.23
N GLY B 92 14.46 -48.51 -10.59
CA GLY B 92 13.18 -47.82 -10.90
C GLY B 92 12.25 -47.60 -9.70
N GLY B 93 11.24 -46.77 -9.92
CA GLY B 93 10.17 -46.55 -8.93
C GLY B 93 10.70 -46.07 -7.59
N TYR B 94 10.14 -46.59 -6.52
CA TYR B 94 10.53 -46.15 -5.15
C TYR B 94 11.97 -46.49 -4.76
N GLY B 95 12.56 -47.47 -5.47
CA GLY B 95 13.96 -47.80 -5.20
C GLY B 95 14.95 -46.76 -5.66
N GLU B 96 14.52 -45.90 -6.56
CA GLU B 96 15.42 -44.99 -7.23
C GLU B 96 14.98 -43.51 -7.15
N ASN B 97 13.74 -43.24 -6.73
CA ASN B 97 13.18 -41.90 -6.80
C ASN B 97 13.23 -41.06 -5.51
N GLY B 98 13.90 -41.58 -4.49
CA GLY B 98 14.03 -40.89 -3.22
C GLY B 98 13.11 -41.38 -2.16
N GLN B 99 12.12 -42.17 -2.54
CA GLN B 99 11.16 -42.66 -1.55
C GLN B 99 11.81 -43.66 -0.58
N ILE B 100 12.44 -44.70 -1.08
CA ILE B 100 12.99 -45.68 -0.18
C ILE B 100 14.19 -45.04 0.56
N GLN B 101 14.90 -44.13 -0.11
CA GLN B 101 16.03 -43.42 0.54
C GLN B 101 15.52 -42.61 1.74
N GLY B 102 14.41 -41.88 1.53
CA GLY B 102 13.82 -41.15 2.63
C GLY B 102 13.40 -42.05 3.76
N ALA B 103 12.81 -43.19 3.43
CA ALA B 103 12.29 -44.07 4.46
C ALA B 103 13.46 -44.63 5.26
N LEU B 104 14.54 -44.97 4.57
CA LEU B 104 15.69 -45.55 5.23
C LEU B 104 16.37 -44.52 6.12
N ASP B 105 16.45 -43.28 5.65
CA ASP B 105 16.97 -42.17 6.50
C ASP B 105 16.14 -42.07 7.78
N PHE B 106 14.83 -42.22 7.63
CA PHE B 106 13.91 -42.14 8.79
C PHE B 106 14.08 -43.28 9.77
N TYR B 107 14.38 -44.47 9.29
CA TYR B 107 14.56 -45.57 10.18
C TYR B 107 16.05 -45.72 10.64
N GLY B 108 16.95 -44.80 10.26
CA GLY B 108 18.35 -44.83 10.70
C GLY B 108 19.21 -45.89 10.03
N ILE B 109 18.84 -46.29 8.82
CA ILE B 109 19.56 -47.30 8.09
C ILE B 109 20.41 -46.60 7.04
N ARG B 110 21.70 -46.83 7.07
CA ARG B 110 22.55 -46.27 6.05
C ARG B 110 22.42 -47.05 4.75
N TYR B 111 22.65 -46.40 3.64
CA TYR B 111 22.52 -47.09 2.34
C TYR B 111 23.47 -46.55 1.34
N THR B 112 23.71 -47.34 0.30
CA THR B 112 24.58 -46.93 -0.76
C THR B 112 23.91 -45.92 -1.66
N GLY B 113 24.73 -45.12 -2.35
CA GLY B 113 24.21 -44.23 -3.39
C GLY B 113 23.70 -42.90 -2.86
N SER B 114 22.81 -42.31 -3.63
CA SER B 114 22.43 -40.94 -3.36
C SER B 114 21.31 -40.79 -2.36
N GLY B 115 21.26 -39.64 -1.69
CA GLY B 115 20.18 -39.32 -0.75
C GLY B 115 18.87 -38.94 -1.45
N VAL B 116 17.94 -38.36 -0.66
CA VAL B 116 16.58 -38.11 -1.12
C VAL B 116 16.59 -37.14 -2.32
N LEU B 117 17.25 -35.99 -2.18
CA LEU B 117 17.16 -34.98 -3.27
C LEU B 117 17.88 -35.51 -4.52
N GLY B 118 19.08 -36.02 -4.35
CA GLY B 118 19.82 -36.61 -5.51
C GLY B 118 19.07 -37.64 -6.32
N SER B 119 18.41 -38.52 -5.61
CA SER B 119 17.64 -39.57 -6.25
C SER B 119 16.36 -39.00 -6.90
N ALA B 120 15.72 -38.07 -6.23
CA ALA B 120 14.46 -37.53 -6.77
C ALA B 120 14.76 -36.76 -8.05
N LEU B 121 15.79 -35.96 -7.97
CA LEU B 121 16.17 -35.09 -9.09
C LEU B 121 16.75 -35.96 -10.22
N GLY B 122 17.52 -36.97 -9.86
CA GLY B 122 18.10 -37.88 -10.81
C GLY B 122 17.10 -38.64 -11.67
N LEU B 123 15.88 -38.79 -11.18
CA LEU B 123 14.85 -39.50 -11.96
C LEU B 123 14.01 -38.52 -12.71
N ASP B 124 14.26 -37.25 -12.50
CA ASP B 124 13.44 -36.20 -13.08
C ASP B 124 14.24 -35.53 -14.19
N LYS B 125 14.01 -35.96 -15.41
CA LYS B 125 14.82 -35.49 -16.55
C LYS B 125 14.64 -34.04 -16.81
N PHE B 126 13.44 -33.56 -16.57
CA PHE B 126 13.12 -32.18 -16.75
C PHE B 126 13.95 -31.30 -15.83
N ARG B 127 13.79 -31.48 -14.54
CA ARG B 127 14.52 -30.68 -13.57
C ARG B 127 16.02 -30.94 -13.54
N THR B 128 16.47 -32.14 -13.92
CA THR B 128 17.89 -32.40 -14.07
C THR B 128 18.42 -31.44 -15.16
N LYS B 129 17.72 -31.37 -16.28
CA LYS B 129 18.19 -30.57 -17.41
C LYS B 129 18.12 -29.05 -17.12
N LEU B 130 17.12 -28.60 -16.38
CA LEU B 130 17.06 -27.21 -15.94
C LEU B 130 18.25 -26.82 -15.06
N VAL B 131 18.61 -27.69 -14.11
CA VAL B 131 19.76 -27.47 -13.22
C VAL B 131 21.03 -27.40 -14.05
N TRP B 132 21.20 -28.34 -14.97
CA TRP B 132 22.38 -28.33 -15.84
C TRP B 132 22.48 -27.07 -16.69
N GLN B 133 21.40 -26.72 -17.38
CA GLN B 133 21.39 -25.53 -18.22
C GLN B 133 21.76 -24.29 -17.41
N GLN B 134 21.23 -24.20 -16.20
CA GLN B 134 21.49 -23.03 -15.38
C GLN B 134 22.91 -22.98 -14.84
N LEU B 135 23.56 -24.13 -14.66
CA LEU B 135 24.92 -24.19 -14.11
C LEU B 135 26.02 -24.37 -15.19
N GLY B 136 25.66 -24.15 -16.45
CA GLY B 136 26.56 -24.40 -17.61
C GLY B 136 26.93 -25.81 -18.01
N ILE B 137 26.33 -26.83 -17.44
CA ILE B 137 26.62 -28.19 -17.81
C ILE B 137 25.88 -28.43 -19.13
N PRO B 138 26.61 -28.75 -20.20
CA PRO B 138 25.93 -28.87 -21.48
C PRO B 138 24.99 -30.09 -21.57
N THR B 139 23.88 -29.89 -22.28
CA THR B 139 22.82 -30.89 -22.37
C THR B 139 22.00 -30.52 -23.60
N PRO B 140 21.37 -31.50 -24.27
CA PRO B 140 20.70 -31.16 -25.50
C PRO B 140 19.54 -30.19 -25.31
N PRO B 141 19.44 -29.21 -26.19
CA PRO B 141 18.34 -28.23 -26.09
C PRO B 141 17.01 -28.97 -26.13
N PHE B 142 15.97 -28.37 -25.57
CA PHE B 142 14.73 -29.11 -25.42
C PHE B 142 13.52 -28.18 -25.13
N GLU B 143 12.33 -28.69 -25.40
CA GLU B 143 11.07 -28.03 -24.98
C GLU B 143 10.22 -28.97 -24.15
N ALA B 144 9.57 -28.42 -23.12
CA ALA B 144 8.66 -29.20 -22.28
C ALA B 144 7.25 -29.17 -22.83
N VAL B 145 6.58 -30.31 -22.76
CA VAL B 145 5.17 -30.45 -23.17
C VAL B 145 4.38 -31.03 -21.98
N LEU B 146 3.23 -30.42 -21.69
CA LEU B 146 2.46 -30.79 -20.49
C LEU B 146 1.12 -31.42 -20.87
N ARG B 147 0.78 -32.55 -20.23
CA ARG B 147 -0.55 -33.14 -20.36
C ARG B 147 -1.59 -32.02 -20.41
N GLY B 148 -2.25 -31.89 -21.55
CA GLY B 148 -3.29 -30.91 -21.72
C GLY B 148 -2.86 -29.78 -22.61
N ASP B 149 -1.62 -29.82 -23.12
CA ASP B 149 -1.22 -28.80 -24.07
C ASP B 149 -1.99 -29.05 -25.40
N ASP B 150 -2.07 -28.05 -26.27
CA ASP B 150 -2.52 -28.27 -27.65
C ASP B 150 -1.42 -29.01 -28.36
N TYR B 151 -1.49 -30.33 -28.29
CA TYR B 151 -0.40 -31.20 -28.79
C TYR B 151 0.00 -30.90 -30.25
N GLU B 152 -1.00 -30.72 -31.12
CA GLU B 152 -0.79 -30.40 -32.54
C GLU B 152 -0.09 -29.02 -32.70
N ALA B 153 -0.42 -28.04 -31.85
CA ALA B 153 0.23 -26.72 -31.93
C ALA B 153 1.74 -26.82 -31.60
N ARG B 154 2.02 -27.34 -30.40
CA ARG B 154 3.37 -27.45 -29.86
C ARG B 154 4.29 -28.14 -30.83
N ALA B 155 3.84 -29.30 -31.33
CA ALA B 155 4.64 -30.04 -32.30
C ALA B 155 5.12 -29.08 -33.37
N LYS B 156 4.21 -28.29 -33.91
CA LYS B 156 4.55 -27.27 -34.92
C LYS B 156 5.69 -26.36 -34.41
N GLU B 157 5.47 -25.74 -33.25
CA GLU B 157 6.42 -24.78 -32.68
C GLU B 157 7.79 -25.44 -32.37
N ILE B 158 7.74 -26.68 -31.87
CA ILE B 158 8.94 -27.39 -31.40
C ILE B 158 9.86 -27.77 -32.56
N VAL B 159 9.26 -28.21 -33.68
CA VAL B 159 10.04 -28.59 -34.86
C VAL B 159 10.62 -27.33 -35.50
N ALA B 160 9.86 -26.24 -35.46
CA ALA B 160 10.32 -24.97 -35.98
C ALA B 160 11.51 -24.53 -35.17
N LYS B 161 11.33 -24.44 -33.85
CA LYS B 161 12.39 -23.98 -32.94
C LYS B 161 13.60 -24.90 -32.86
N LEU B 162 13.44 -26.24 -32.90
CA LEU B 162 14.54 -27.16 -32.57
C LEU B 162 15.10 -28.03 -33.67
N GLY B 163 14.26 -28.40 -34.63
CA GLY B 163 14.70 -29.28 -35.73
C GLY B 163 14.33 -30.74 -35.50
N LEU B 164 14.71 -31.60 -36.43
CA LEU B 164 14.54 -33.05 -36.33
C LEU B 164 15.91 -33.70 -36.50
N PRO B 165 16.09 -34.92 -36.02
CA PRO B 165 15.12 -35.70 -35.25
C PRO B 165 15.04 -35.24 -33.79
N LEU B 166 13.98 -35.65 -33.11
CA LEU B 166 13.76 -35.38 -31.68
C LEU B 166 13.57 -36.69 -30.88
N PHE B 167 13.87 -36.67 -29.59
CA PHE B 167 13.48 -37.77 -28.69
C PHE B 167 12.36 -37.27 -27.78
N VAL B 168 11.31 -38.08 -27.63
CA VAL B 168 10.21 -37.75 -26.72
C VAL B 168 10.40 -38.64 -25.47
N LYS B 169 10.71 -37.99 -24.34
CA LYS B 169 11.11 -38.68 -23.12
C LYS B 169 10.12 -38.25 -22.00
N PRO B 170 9.36 -39.19 -21.48
CA PRO B 170 8.63 -38.78 -20.28
C PRO B 170 9.56 -38.41 -19.09
N ALA B 171 9.23 -37.32 -18.38
CA ALA B 171 10.11 -36.75 -17.35
C ALA B 171 10.63 -37.74 -16.29
N SER B 172 9.71 -38.39 -15.57
CA SER B 172 10.06 -39.29 -14.44
C SER B 172 9.88 -40.76 -14.80
N GLU B 173 10.97 -41.38 -15.30
CA GLU B 173 10.90 -42.73 -15.90
C GLU B 173 12.21 -43.54 -15.81
N ILE B 180 11.00 -43.11 -27.43
CA ILE B 180 10.37 -42.83 -28.72
C ILE B 180 11.11 -41.73 -29.51
N LYS B 181 11.86 -42.13 -30.53
CA LYS B 181 12.54 -41.18 -31.43
C LYS B 181 11.59 -40.80 -32.54
N VAL B 182 11.52 -39.50 -32.85
CA VAL B 182 10.64 -38.96 -33.90
C VAL B 182 11.44 -38.32 -35.03
N LYS B 183 11.30 -38.83 -36.25
CA LYS B 183 12.05 -38.33 -37.41
C LYS B 183 11.24 -37.43 -38.37
N SER B 184 9.90 -37.54 -38.38
CA SER B 184 9.02 -36.72 -39.24
C SER B 184 8.28 -35.70 -38.39
N ALA B 185 8.02 -34.49 -38.92
CA ALA B 185 7.21 -33.49 -38.19
C ALA B 185 5.81 -34.03 -37.81
N ASP B 186 5.13 -34.70 -38.76
CA ASP B 186 3.74 -35.14 -38.50
C ASP B 186 3.61 -36.37 -37.57
N ALA B 187 4.73 -37.04 -37.25
CA ALA B 187 4.71 -38.18 -36.30
C ALA B 187 4.78 -37.74 -34.83
N LEU B 188 5.13 -36.47 -34.59
CA LEU B 188 5.35 -35.94 -33.24
C LEU B 188 4.06 -35.91 -32.40
N PRO B 189 2.96 -35.40 -32.98
CA PRO B 189 1.66 -35.36 -32.27
C PRO B 189 1.27 -36.66 -31.59
N ALA B 190 1.37 -37.76 -32.34
CA ALA B 190 0.95 -39.06 -31.84
C ALA B 190 1.87 -39.52 -30.74
N ALA B 191 3.15 -39.17 -30.85
CA ALA B 191 4.15 -39.51 -29.82
C ALA B 191 4.01 -38.65 -28.56
N LEU B 192 3.61 -37.39 -28.72
CA LEU B 192 3.28 -36.53 -27.58
C LEU B 192 2.03 -37.08 -26.88
N ILE B 193 1.00 -37.41 -27.67
CA ILE B 193 -0.24 -37.98 -27.12
C ILE B 193 0.04 -39.29 -26.38
N GLU B 194 0.93 -40.14 -26.92
CA GLU B 194 1.31 -41.41 -26.28
C GLU B 194 2.16 -41.21 -25.01
N ALA B 195 3.10 -40.27 -25.04
CA ALA B 195 4.02 -40.04 -23.90
C ALA B 195 3.39 -39.34 -22.69
N VAL B 196 2.40 -38.48 -22.94
CA VAL B 196 1.63 -37.86 -21.87
C VAL B 196 0.73 -38.86 -21.13
N LYS B 197 0.67 -40.11 -21.61
CA LYS B 197 -0.04 -41.21 -20.91
C LYS B 197 0.80 -41.69 -19.74
N PHE B 198 2.12 -41.48 -19.82
CA PHE B 198 3.03 -41.96 -18.79
C PHE B 198 3.33 -40.91 -17.69
N ASP B 199 3.27 -39.62 -18.05
CA ASP B 199 3.75 -38.53 -17.20
C ASP B 199 3.00 -37.25 -17.57
N ARG B 200 2.72 -36.39 -16.60
CA ARG B 200 2.13 -35.08 -16.87
C ARG B 200 3.13 -34.10 -17.54
N ILE B 201 4.44 -34.39 -17.43
CA ILE B 201 5.52 -33.57 -18.05
C ILE B 201 6.35 -34.38 -19.06
N VAL B 202 6.43 -33.89 -20.28
CA VAL B 202 7.15 -34.54 -21.36
C VAL B 202 8.27 -33.67 -21.92
N VAL B 203 9.49 -34.21 -21.91
CA VAL B 203 10.66 -33.56 -22.47
C VAL B 203 10.87 -33.95 -23.95
N VAL B 204 10.79 -32.99 -24.85
CA VAL B 204 11.07 -33.18 -26.28
C VAL B 204 12.46 -32.64 -26.57
N GLU B 205 13.38 -33.55 -26.82
CA GLU B 205 14.78 -33.23 -26.82
C GLU B 205 15.37 -33.32 -28.21
N LYS B 206 16.21 -32.37 -28.58
CA LYS B 206 16.91 -32.44 -29.86
C LYS B 206 17.93 -33.61 -29.81
N SER B 207 18.00 -34.41 -30.88
CA SER B 207 19.02 -35.47 -30.95
C SER B 207 20.39 -34.93 -31.42
N ILE B 208 21.44 -35.42 -30.77
CA ILE B 208 22.81 -35.08 -31.10
C ILE B 208 23.34 -36.20 -32.03
N GLU B 209 23.86 -35.80 -33.19
CA GLU B 209 24.31 -36.72 -34.25
C GLU B 209 25.83 -36.70 -34.43
N GLY B 210 26.40 -37.82 -34.92
CA GLY B 210 27.75 -37.89 -35.48
C GLY B 210 28.90 -38.22 -34.55
N GLY B 211 28.63 -38.43 -33.26
CA GLY B 211 29.73 -38.63 -32.28
C GLY B 211 29.72 -39.86 -31.38
N GLY B 212 28.51 -40.37 -31.10
CA GLY B 212 28.34 -41.54 -30.25
C GLY B 212 27.68 -41.24 -28.91
N GLU B 213 27.23 -42.31 -28.27
CA GLU B 213 26.69 -42.24 -26.93
C GLU B 213 27.66 -42.89 -25.93
N TYR B 214 27.84 -42.25 -24.78
CA TYR B 214 28.78 -42.74 -23.75
C TYR B 214 28.19 -42.72 -22.33
N THR B 215 28.86 -43.38 -21.42
CA THR B 215 28.56 -43.30 -20.00
C THR B 215 29.84 -43.33 -19.20
N ALA B 216 29.87 -42.57 -18.10
CA ALA B 216 30.95 -42.62 -17.13
C ALA B 216 30.39 -43.22 -15.83
N CYS B 217 30.90 -44.38 -15.40
CA CYS B 217 30.48 -45.00 -14.16
CA CYS B 217 30.47 -44.99 -14.18
C CYS B 217 31.25 -44.35 -13.02
N ILE B 218 30.53 -44.06 -11.95
CA ILE B 218 31.03 -43.33 -10.80
C ILE B 218 30.92 -44.27 -9.60
N ALA B 219 32.01 -44.48 -8.89
CA ALA B 219 32.05 -45.37 -7.70
C ALA B 219 33.20 -44.88 -6.81
N GLY B 220 32.82 -44.06 -5.85
CA GLY B 220 33.78 -43.32 -5.03
C GLY B 220 34.83 -42.66 -5.91
N ASN B 221 36.06 -42.86 -5.50
CA ASN B 221 37.25 -42.39 -6.18
CA ASN B 221 37.21 -42.32 -6.23
C ASN B 221 37.82 -43.38 -7.17
N LEU B 222 37.13 -44.49 -7.41
CA LEU B 222 37.68 -45.51 -8.32
C LEU B 222 37.75 -44.88 -9.70
N ASP B 223 38.83 -45.11 -10.42
CA ASP B 223 39.06 -44.50 -11.73
C ASP B 223 38.57 -45.51 -12.75
N LEU B 224 37.35 -45.33 -13.21
CA LEU B 224 36.75 -46.28 -14.13
C LEU B 224 36.74 -45.66 -15.52
N PRO B 225 36.95 -46.48 -16.55
CA PRO B 225 36.94 -45.97 -17.91
C PRO B 225 35.54 -45.66 -18.45
N VAL B 226 35.51 -44.72 -19.37
CA VAL B 226 34.32 -44.34 -20.08
C VAL B 226 33.98 -45.49 -21.00
N ILE B 227 32.70 -45.77 -21.10
CA ILE B 227 32.20 -46.82 -21.96
C ILE B 227 31.40 -46.20 -23.10
N ARG B 228 31.56 -46.71 -24.28
CA ARG B 228 30.70 -46.34 -25.38
C ARG B 228 29.55 -47.32 -25.52
N ILE B 229 28.34 -46.79 -25.69
CA ILE B 229 27.12 -47.59 -25.81
C ILE B 229 26.66 -47.60 -27.23
N VAL B 230 26.60 -48.78 -27.83
CA VAL B 230 26.32 -48.91 -29.25
C VAL B 230 24.84 -49.37 -29.32
N GLN B 248 25.66 -53.05 -27.49
CA GLN B 248 26.70 -53.50 -26.53
C GLN B 248 27.35 -52.29 -25.85
N TYR B 249 28.24 -52.66 -24.95
CA TYR B 249 29.05 -51.77 -24.16
C TYR B 249 30.50 -51.88 -24.61
N LEU B 250 31.12 -50.77 -24.98
CA LEU B 250 32.38 -50.84 -25.69
C LEU B 250 33.51 -50.17 -24.87
N ILE B 251 34.53 -50.97 -24.56
CA ILE B 251 35.75 -50.53 -23.91
C ILE B 251 36.87 -51.13 -24.78
N PRO B 252 37.85 -50.34 -25.22
CA PRO B 252 38.00 -48.92 -25.01
C PRO B 252 36.89 -48.13 -25.68
N CYS B 253 36.53 -46.98 -25.09
CA CYS B 253 35.45 -46.19 -25.67
C CYS B 253 35.86 -45.53 -27.00
N GLY B 254 37.16 -45.48 -27.26
CA GLY B 254 37.68 -44.97 -28.53
C GLY B 254 38.04 -43.48 -28.51
N LEU B 255 37.93 -42.84 -27.34
CA LEU B 255 38.40 -41.46 -27.17
C LEU B 255 39.86 -41.40 -26.72
N THR B 256 40.54 -40.26 -26.90
CA THR B 256 41.91 -40.14 -26.37
C THR B 256 41.90 -40.14 -24.83
N ALA B 257 43.00 -40.58 -24.23
CA ALA B 257 43.15 -40.61 -22.78
C ALA B 257 42.93 -39.21 -22.18
N ASP B 258 43.43 -38.17 -22.81
CA ASP B 258 43.18 -36.81 -22.35
C ASP B 258 41.70 -36.42 -22.43
N GLU B 259 41.01 -36.73 -23.53
CA GLU B 259 39.57 -36.47 -23.59
C GLU B 259 38.78 -37.26 -22.56
N GLU B 260 39.17 -38.52 -22.40
CA GLU B 260 38.50 -39.38 -21.43
C GLU B 260 38.64 -38.78 -20.00
N ALA B 261 39.84 -38.37 -19.65
CA ALA B 261 40.13 -37.76 -18.37
C ALA B 261 39.27 -36.48 -18.14
N ARG B 262 39.20 -35.61 -19.13
CA ARG B 262 38.43 -34.39 -18.91
C ARG B 262 36.90 -34.66 -18.88
N LEU B 263 36.41 -35.59 -19.71
CA LEU B 263 35.03 -35.95 -19.70
C LEU B 263 34.62 -36.59 -18.35
N LYS B 264 35.53 -37.31 -17.72
CA LYS B 264 35.20 -37.91 -16.44
C LYS B 264 35.06 -36.88 -15.33
N VAL B 265 35.88 -35.85 -15.35
CA VAL B 265 35.74 -34.77 -14.39
C VAL B 265 34.42 -33.99 -14.60
N LEU B 266 34.09 -33.76 -15.87
CA LEU B 266 32.86 -33.08 -16.22
C LEU B 266 31.63 -33.92 -15.88
N ALA B 267 31.72 -35.22 -16.13
CA ALA B 267 30.67 -36.18 -15.78
C ALA B 267 30.40 -36.17 -14.27
N ARG B 268 31.47 -36.20 -13.52
CA ARG B 268 31.37 -36.27 -12.08
C ARG B 268 30.74 -34.96 -11.52
N ARG B 269 31.01 -33.84 -12.15
CA ARG B 269 30.38 -32.59 -11.81
C ARG B 269 28.90 -32.60 -12.16
N ALA B 270 28.57 -33.09 -13.35
CA ALA B 270 27.16 -33.16 -13.78
C ALA B 270 26.31 -33.99 -12.78
N PHE B 271 26.92 -35.05 -12.28
CA PHE B 271 26.35 -35.89 -11.27
C PHE B 271 26.25 -35.15 -9.94
N ASP B 272 27.35 -34.62 -9.46
CA ASP B 272 27.37 -34.01 -8.13
C ASP B 272 26.41 -32.79 -7.99
N VAL B 273 26.32 -31.93 -9.00
CA VAL B 273 25.51 -30.74 -8.90
C VAL B 273 24.02 -31.05 -8.80
N LEU B 274 23.61 -32.27 -9.14
CA LEU B 274 22.23 -32.68 -8.90
C LEU B 274 21.93 -33.16 -7.46
N GLY B 275 22.94 -33.21 -6.60
CA GLY B 275 22.82 -33.74 -5.23
C GLY B 275 23.17 -35.21 -5.16
N CYS B 276 23.53 -35.83 -6.30
CA CYS B 276 23.86 -37.27 -6.31
C CYS B 276 25.21 -37.46 -5.68
N THR B 277 25.43 -38.57 -4.99
CA THR B 277 26.75 -38.89 -4.45
C THR B 277 27.14 -40.36 -4.71
N ASP B 278 28.44 -40.60 -4.90
CA ASP B 278 29.11 -41.85 -4.50
C ASP B 278 29.02 -42.99 -5.50
N TRP B 279 27.85 -43.14 -6.14
CA TRP B 279 27.57 -44.32 -6.92
C TRP B 279 26.52 -44.09 -7.95
N GLY B 280 26.87 -44.29 -9.23
CA GLY B 280 25.92 -44.07 -10.31
C GLY B 280 26.58 -44.02 -11.66
N ARG B 281 25.87 -43.44 -12.61
CA ARG B 281 26.39 -43.19 -13.94
C ARG B 281 25.89 -41.85 -14.42
N ALA B 282 26.67 -41.21 -15.29
CA ALA B 282 26.25 -40.01 -16.03
C ALA B 282 26.38 -40.37 -17.51
N ASP B 283 25.28 -40.29 -18.24
CA ASP B 283 25.26 -40.61 -19.67
C ASP B 283 25.39 -39.33 -20.48
N PHE B 284 26.08 -39.42 -21.61
CA PHE B 284 26.24 -38.28 -22.54
C PHE B 284 26.43 -38.70 -24.00
N MET B 285 26.13 -37.75 -24.90
CA MET B 285 26.41 -37.86 -26.31
C MET B 285 27.61 -37.02 -26.62
N LEU B 286 28.31 -37.35 -27.73
CA LEU B 286 29.28 -36.44 -28.32
C LEU B 286 28.78 -36.11 -29.69
N ASP B 287 28.95 -34.87 -30.09
CA ASP B 287 28.62 -34.49 -31.45
C ASP B 287 29.84 -34.79 -32.35
N ALA B 288 29.76 -34.41 -33.61
CA ALA B 288 30.79 -34.73 -34.59
C ALA B 288 32.17 -34.09 -34.31
N ASP B 289 32.22 -33.02 -33.53
CA ASP B 289 33.48 -32.39 -33.15
C ASP B 289 33.95 -32.78 -31.76
N GLY B 290 33.23 -33.68 -31.10
CA GLY B 290 33.59 -34.11 -29.75
C GLY B 290 33.05 -33.26 -28.59
N ASN B 291 32.12 -32.33 -28.86
CA ASN B 291 31.45 -31.59 -27.78
C ASN B 291 30.48 -32.52 -27.06
N PRO B 292 30.51 -32.52 -25.73
CA PRO B 292 29.63 -33.44 -24.99
C PRO B 292 28.32 -32.79 -24.64
N TYR B 293 27.27 -33.60 -24.61
CA TYR B 293 25.97 -33.21 -24.12
C TYR B 293 25.45 -34.28 -23.17
N PHE B 294 25.27 -33.91 -21.91
CA PHE B 294 24.76 -34.82 -20.89
C PHE B 294 23.27 -35.07 -21.00
N LEU B 295 22.89 -36.34 -20.91
CA LEU B 295 21.50 -36.76 -21.11
C LEU B 295 20.79 -36.97 -19.79
N GLU B 296 21.40 -37.71 -18.88
CA GLU B 296 20.78 -38.02 -17.60
C GLU B 296 21.78 -38.73 -16.69
N VAL B 297 21.41 -38.88 -15.43
CA VAL B 297 22.19 -39.67 -14.51
C VAL B 297 21.35 -40.83 -14.08
N ASN B 298 22.01 -41.82 -13.52
CA ASN B 298 21.37 -43.01 -13.01
C ASN B 298 21.97 -43.23 -11.65
N THR B 299 21.12 -43.26 -10.63
CA THR B 299 21.55 -43.31 -9.27
C THR B 299 21.41 -44.72 -8.66
N ALA B 300 21.04 -45.71 -9.48
CA ALA B 300 20.81 -47.15 -9.07
C ALA B 300 21.24 -48.08 -10.19
N PRO B 301 22.54 -48.15 -10.48
CA PRO B 301 22.99 -48.88 -11.64
C PRO B 301 22.92 -50.40 -11.50
N GLY B 302 22.77 -51.09 -12.64
CA GLY B 302 22.63 -52.50 -12.66
C GLY B 302 23.90 -53.12 -12.06
N MET B 303 23.71 -54.23 -11.37
CA MET B 303 24.83 -55.02 -10.87
C MET B 303 24.65 -56.49 -11.27
N THR B 304 24.01 -56.72 -12.40
CA THR B 304 24.04 -58.06 -13.02
C THR B 304 25.46 -58.29 -13.59
N ASP B 305 25.73 -59.52 -13.97
CA ASP B 305 27.02 -59.81 -14.56
C ASP B 305 27.26 -59.14 -15.90
N HIS B 306 26.18 -58.76 -16.57
CA HIS B 306 26.23 -58.09 -17.89
C HIS B 306 25.96 -56.61 -17.76
N SER B 307 25.95 -56.03 -16.55
CA SER B 307 25.70 -54.57 -16.35
C SER B 307 26.93 -53.70 -16.52
N LEU B 308 26.74 -52.41 -16.65
CA LEU B 308 27.85 -51.51 -17.00
C LEU B 308 28.96 -51.48 -15.97
N PRO B 309 28.62 -51.28 -14.70
CA PRO B 309 29.74 -51.08 -13.74
C PRO B 309 30.65 -52.30 -13.56
N PRO B 310 30.08 -53.50 -13.49
CA PRO B 310 31.01 -54.65 -13.48
C PRO B 310 31.94 -54.65 -14.68
N LYS B 311 31.43 -54.21 -15.83
CA LYS B 311 32.31 -54.26 -17.03
C LYS B 311 33.38 -53.18 -16.94
N ALA B 312 32.99 -51.96 -16.54
CA ALA B 312 33.96 -50.92 -16.32
C ALA B 312 35.05 -51.34 -15.27
N ALA B 313 34.62 -51.91 -14.15
CA ALA B 313 35.54 -52.42 -13.12
C ALA B 313 36.46 -53.49 -13.70
N ARG B 314 35.93 -54.52 -14.31
CA ARG B 314 36.81 -55.61 -14.85
C ARG B 314 37.86 -55.05 -15.80
N ALA B 315 37.51 -54.03 -16.59
CA ALA B 315 38.42 -53.55 -17.61
C ALA B 315 39.67 -52.92 -17.02
N VAL B 316 39.65 -52.50 -15.76
CA VAL B 316 40.86 -52.00 -15.12
C VAL B 316 41.27 -52.88 -13.98
N GLY B 317 40.94 -54.15 -14.05
CA GLY B 317 41.43 -55.14 -13.08
C GLY B 317 40.73 -55.14 -11.74
N ILE B 318 39.55 -54.56 -11.63
CA ILE B 318 38.81 -54.61 -10.39
C ILE B 318 37.73 -55.68 -10.48
N SER B 319 37.70 -56.66 -9.58
CA SER B 319 36.74 -57.75 -9.66
C SER B 319 35.31 -57.30 -9.23
N TYR B 320 34.31 -58.12 -9.55
CA TYR B 320 32.95 -57.88 -9.14
C TYR B 320 32.89 -57.68 -7.63
N GLN B 321 33.45 -58.63 -6.91
CA GLN B 321 33.48 -58.60 -5.46
C GLN B 321 34.09 -57.31 -4.93
N GLU B 322 35.23 -56.90 -5.48
CA GLU B 322 35.89 -55.67 -5.01
C GLU B 322 35.02 -54.47 -5.29
N LEU B 323 34.34 -54.46 -6.43
CA LEU B 323 33.43 -53.33 -6.75
C LEU B 323 32.32 -53.18 -5.67
N VAL B 324 31.67 -54.30 -5.30
CA VAL B 324 30.55 -54.24 -4.37
C VAL B 324 30.99 -53.84 -3.00
N VAL B 325 32.13 -54.40 -2.57
CA VAL B 325 32.70 -54.01 -1.31
C VAL B 325 33.10 -52.51 -1.30
N ALA B 326 33.75 -52.04 -2.37
CA ALA B 326 34.12 -50.61 -2.43
C ALA B 326 32.86 -49.67 -2.38
N VAL B 327 31.77 -50.07 -3.05
CA VAL B 327 30.59 -49.24 -3.04
C VAL B 327 29.96 -49.27 -1.65
N LEU B 328 29.97 -50.44 -0.97
CA LEU B 328 29.45 -50.52 0.39
C LEU B 328 30.34 -49.78 1.38
N ALA B 329 31.64 -49.78 1.13
CA ALA B 329 32.60 -49.06 1.95
C ALA B 329 32.30 -47.57 2.11
N LEU B 330 31.75 -46.96 1.07
CA LEU B 330 31.41 -45.52 1.11
C LEU B 330 30.37 -45.19 2.21
N THR B 331 29.54 -46.16 2.60
CA THR B 331 28.56 -45.99 3.69
C THR B 331 29.17 -46.00 5.07
N LEU B 332 30.45 -46.35 5.16
CA LEU B 332 31.22 -46.23 6.42
C LEU B 332 31.73 -44.79 6.59
N ILE C 25 -25.88 45.58 34.63
CA ILE C 25 -24.69 44.97 35.32
C ILE C 25 -24.05 46.03 36.24
N ASP C 26 -23.79 45.68 37.50
CA ASP C 26 -22.92 46.54 38.32
C ASP C 26 -21.59 46.66 37.63
N PRO C 27 -21.10 47.90 37.48
CA PRO C 27 -19.82 48.18 36.84
C PRO C 27 -18.66 47.43 37.45
N LYS C 28 -18.74 47.16 38.76
CA LYS C 28 -17.74 46.35 39.49
C LYS C 28 -17.51 44.99 38.89
N GLN C 29 -18.53 44.40 38.31
CA GLN C 29 -18.45 43.09 37.70
C GLN C 29 -17.45 43.02 36.55
N PHE C 30 -17.15 44.15 35.91
CA PHE C 30 -16.15 44.16 34.86
C PHE C 30 -14.71 44.23 35.36
N GLY C 31 -14.50 44.64 36.62
CA GLY C 31 -13.15 44.86 37.11
C GLY C 31 -12.45 45.91 36.31
N LYS C 32 -11.14 45.77 36.22
CA LYS C 32 -10.26 46.77 35.62
C LYS C 32 -10.09 46.39 34.17
N VAL C 33 -10.47 47.31 33.28
CA VAL C 33 -10.59 47.08 31.85
C VAL C 33 -9.58 47.92 31.07
N ALA C 34 -8.94 47.29 30.11
CA ALA C 34 -8.01 47.99 29.21
C ALA C 34 -8.75 48.18 27.94
N VAL C 35 -8.67 49.39 27.38
CA VAL C 35 -9.13 49.60 26.04
C VAL C 35 -7.90 49.60 25.14
N LEU C 36 -7.80 48.59 24.31
CA LEU C 36 -6.67 48.44 23.42
C LEU C 36 -6.92 49.31 22.18
N LEU C 37 -6.01 50.24 21.92
CA LEU C 37 -6.17 51.20 20.82
C LEU C 37 -4.81 51.66 20.24
N GLY C 38 -4.86 52.12 19.01
CA GLY C 38 -3.65 52.60 18.35
C GLY C 38 -3.00 51.48 17.60
N GLY C 39 -1.91 50.96 18.17
CA GLY C 39 -1.20 49.86 17.52
C GLY C 39 -0.32 50.35 16.38
N ASN C 40 0.15 49.42 15.56
CA ASN C 40 1.18 49.68 14.53
C ASN C 40 0.66 49.58 13.07
N SER C 41 -0.56 49.14 12.86
CA SER C 41 -1.11 48.98 11.52
C SER C 41 -1.38 50.28 10.73
N ALA C 42 -1.69 50.10 9.45
CA ALA C 42 -2.08 51.19 8.54
C ALA C 42 -3.35 51.90 9.10
N GLU C 43 -4.17 51.18 9.85
CA GLU C 43 -5.38 51.75 10.44
C GLU C 43 -5.21 52.31 11.86
N ARG C 44 -3.97 52.57 12.27
CA ARG C 44 -3.75 53.20 13.57
C ARG C 44 -4.68 54.41 13.92
N GLU C 45 -4.87 55.36 12.98
CA GLU C 45 -5.61 56.59 13.27
C GLU C 45 -7.08 56.28 13.58
N VAL C 46 -7.67 55.38 12.79
CA VAL C 46 -9.07 55.03 13.01
C VAL C 46 -9.20 54.35 14.37
N SER C 47 -8.21 53.52 14.73
CA SER C 47 -8.18 52.86 16.07
C SER C 47 -8.03 53.81 17.24
N LEU C 48 -7.20 54.84 17.11
CA LEU C 48 -7.19 55.91 18.14
C LEU C 48 -8.57 56.59 18.31
N ASN C 49 -9.24 56.82 17.20
CA ASN C 49 -10.59 57.41 17.20
C ASN C 49 -11.57 56.44 17.87
N SER C 50 -11.55 55.14 17.47
CA SER C 50 -12.50 54.17 18.06
C SER C 50 -12.25 54.06 19.54
N GLY C 51 -10.98 53.88 19.88
CA GLY C 51 -10.57 53.64 21.26
C GLY C 51 -10.95 54.76 22.20
N ARG C 52 -10.73 55.98 21.77
CA ARG C 52 -11.05 57.14 22.63
C ARG C 52 -12.56 57.15 22.96
N LEU C 53 -13.40 56.85 21.98
CA LEU C 53 -14.79 56.82 22.18
C LEU C 53 -15.28 55.61 23.00
N VAL C 54 -14.68 54.45 22.80
CA VAL C 54 -15.05 53.27 23.60
C VAL C 54 -14.71 53.54 25.06
N LEU C 55 -13.53 54.10 25.31
CA LEU C 55 -13.07 54.42 26.67
C LEU C 55 -14.04 55.35 27.34
N GLN C 56 -14.48 56.37 26.61
CA GLN C 56 -15.35 57.39 27.22
C GLN C 56 -16.73 56.79 27.57
N GLY C 57 -17.28 55.97 26.67
CA GLY C 57 -18.54 55.27 26.93
C GLY C 57 -18.44 54.33 28.14
N LEU C 58 -17.37 53.57 28.24
CA LEU C 58 -17.19 52.68 29.40
C LEU C 58 -17.02 53.48 30.69
N ARG C 59 -16.21 54.53 30.66
CA ARG C 59 -16.05 55.39 31.85
C ARG C 59 -17.40 56.07 32.22
N ASP C 60 -18.20 56.47 31.25
CA ASP C 60 -19.53 57.03 31.55
C ASP C 60 -20.50 55.96 32.08
N ALA C 61 -20.22 54.69 31.78
CA ALA C 61 -20.99 53.58 32.34
C ALA C 61 -20.56 53.28 33.80
N GLY C 62 -19.49 53.92 34.29
CA GLY C 62 -18.97 53.68 35.64
C GLY C 62 -17.83 52.66 35.66
N ILE C 63 -17.46 52.15 34.49
CA ILE C 63 -16.51 51.06 34.43
C ILE C 63 -15.07 51.59 34.59
N ASP C 64 -14.25 50.82 35.31
CA ASP C 64 -12.87 51.19 35.62
C ASP C 64 -11.98 50.92 34.39
N ALA C 65 -12.16 51.72 33.34
CA ALA C 65 -11.48 51.51 32.06
C ALA C 65 -10.32 52.47 31.88
N HIS C 66 -9.34 52.06 31.10
CA HIS C 66 -8.11 52.83 30.85
C HIS C 66 -7.58 52.53 29.48
N PRO C 67 -7.03 53.54 28.76
CA PRO C 67 -6.42 53.27 27.46
C PRO C 67 -5.13 52.47 27.61
N PHE C 68 -4.79 51.71 26.58
CA PHE C 68 -3.57 50.91 26.58
C PHE C 68 -3.18 50.68 25.15
N ASP C 69 -2.11 51.35 24.71
CA ASP C 69 -1.68 51.30 23.31
C ASP C 69 -0.50 50.32 23.21
N PRO C 70 -0.71 49.16 22.57
CA PRO C 70 0.40 48.18 22.54
C PRO C 70 1.58 48.54 21.62
N ALA C 71 1.47 49.60 20.82
CA ALA C 71 2.61 50.16 20.10
C ALA C 71 3.57 50.86 21.06
N GLU C 72 3.13 51.20 22.27
CA GLU C 72 3.88 52.06 23.20
C GLU C 72 4.12 51.47 24.57
N ARG C 73 3.34 50.46 24.96
CA ARG C 73 3.49 49.85 26.29
C ARG C 73 3.69 48.37 26.11
N PRO C 74 4.49 47.77 26.99
CA PRO C 74 4.69 46.33 26.84
C PRO C 74 3.44 45.57 27.30
N LEU C 75 3.06 44.54 26.52
CA LEU C 75 1.87 43.76 26.85
C LEU C 75 1.88 43.18 28.27
N ALA C 76 3.05 42.89 28.81
CA ALA C 76 3.13 42.32 30.16
C ALA C 76 2.62 43.29 31.23
N ALA C 77 2.58 44.58 30.92
CA ALA C 77 2.05 45.56 31.87
C ALA C 77 0.59 45.29 32.21
N LEU C 78 -0.14 44.66 31.30
CA LEU C 78 -1.55 44.35 31.52
C LEU C 78 -1.68 43.48 32.77
N LYS C 79 -0.92 42.38 32.83
CA LYS C 79 -0.96 41.48 34.01
C LYS C 79 -0.42 42.20 35.24
N GLU C 80 0.72 42.86 35.07
CA GLU C 80 1.38 43.53 36.19
C GLU C 80 0.49 44.59 36.82
N GLU C 81 -0.36 45.24 36.03
CA GLU C 81 -1.19 46.28 36.59
C GLU C 81 -2.61 45.83 36.95
N GLY C 82 -2.87 44.53 36.94
CA GLY C 82 -4.17 44.00 37.37
C GLY C 82 -5.36 44.11 36.39
N PHE C 83 -5.08 44.37 35.11
CA PHE C 83 -6.14 44.39 34.11
C PHE C 83 -6.70 42.98 33.92
N VAL C 84 -8.01 42.82 34.02
CA VAL C 84 -8.62 41.49 33.93
C VAL C 84 -9.24 41.21 32.55
N ARG C 85 -9.51 42.26 31.78
CA ARG C 85 -10.14 42.13 30.49
C ARG C 85 -9.84 43.33 29.61
N ALA C 86 -10.09 43.18 28.32
CA ALA C 86 -9.86 44.25 27.38
C ALA C 86 -11.00 44.39 26.37
N PHE C 87 -11.34 45.65 26.05
CA PHE C 87 -12.12 45.95 24.89
C PHE C 87 -11.11 46.22 23.75
N ASN C 88 -11.14 45.36 22.75
CA ASN C 88 -10.24 45.52 21.63
C ASN C 88 -10.82 46.50 20.63
N ALA C 89 -10.22 47.70 20.56
CA ALA C 89 -10.54 48.67 19.51
C ALA C 89 -9.37 48.82 18.52
N LEU C 90 -8.53 47.81 18.39
CA LEU C 90 -7.49 47.85 17.34
C LEU C 90 -8.13 47.46 16.01
N HIS C 91 -7.54 47.93 14.91
CA HIS C 91 -8.00 47.58 13.57
C HIS C 91 -6.81 47.19 12.72
N GLY C 92 -6.97 46.12 11.95
CA GLY C 92 -5.88 45.58 11.09
C GLY C 92 -4.65 45.06 11.81
N GLY C 93 -3.79 44.36 11.05
CA GLY C 93 -2.55 43.80 11.60
C GLY C 93 -2.76 42.91 12.80
N TYR C 94 -1.88 43.06 13.79
CA TYR C 94 -1.90 42.16 14.95
C TYR C 94 -3.15 42.31 15.85
N GLY C 95 -3.81 43.46 15.76
CA GLY C 95 -5.04 43.63 16.49
C GLY C 95 -6.24 42.79 16.00
N GLU C 96 -6.15 42.30 14.77
CA GLU C 96 -7.31 41.67 14.11
C GLU C 96 -7.00 40.27 13.55
N ASN C 97 -5.71 39.88 13.53
CA ASN C 97 -5.32 38.65 12.80
C ASN C 97 -5.10 37.44 13.67
N GLY C 98 -5.38 37.60 14.97
CA GLY C 98 -5.18 36.51 15.91
C GLY C 98 -3.91 36.65 16.75
N GLN C 99 -3.01 37.55 16.37
CA GLN C 99 -1.76 37.66 17.11
C GLN C 99 -1.97 38.20 18.51
N ILE C 100 -2.66 39.33 18.64
CA ILE C 100 -2.79 39.91 19.94
C ILE C 100 -3.77 39.02 20.73
N GLN C 101 -4.73 38.40 20.03
CA GLN C 101 -5.66 37.49 20.69
C GLN C 101 -4.85 36.32 21.32
N GLY C 102 -3.87 35.78 20.60
CA GLY C 102 -3.03 34.73 21.14
C GLY C 102 -2.22 35.22 22.32
N ALA C 103 -1.70 36.42 22.23
CA ALA C 103 -0.86 36.94 23.32
C ALA C 103 -1.69 37.13 24.62
N LEU C 104 -2.93 37.60 24.43
CA LEU C 104 -3.78 37.82 25.56
C LEU C 104 -4.23 36.47 26.18
N ASP C 105 -4.51 35.48 25.34
CA ASP C 105 -4.85 34.14 25.79
C ASP C 105 -3.73 33.62 26.70
N PHE C 106 -2.50 33.89 26.27
CA PHE C 106 -1.33 33.47 26.99
C PHE C 106 -1.15 34.17 28.32
N TYR C 107 -1.62 35.41 28.46
CA TYR C 107 -1.57 36.08 29.75
C TYR C 107 -2.86 36.01 30.57
N GLY C 108 -3.83 35.23 30.10
CA GLY C 108 -5.06 35.02 30.83
C GLY C 108 -6.00 36.23 30.80
N ILE C 109 -5.86 37.09 29.81
CA ILE C 109 -6.69 38.32 29.75
C ILE C 109 -7.83 38.09 28.79
N ARG C 110 -9.05 38.26 29.25
CA ARG C 110 -10.18 38.13 28.37
C ARG C 110 -10.34 39.37 27.51
N TYR C 111 -10.94 39.18 26.35
CA TYR C 111 -11.07 40.29 25.40
C TYR C 111 -12.40 40.17 24.65
N THR C 112 -12.86 41.27 24.10
CA THR C 112 -14.01 41.28 23.25
C THR C 112 -13.72 40.63 21.86
N GLY C 113 -14.77 40.08 21.25
CA GLY C 113 -14.66 39.59 19.88
C GLY C 113 -14.08 38.20 19.81
N SER C 114 -13.49 37.91 18.66
CA SER C 114 -13.22 36.54 18.32
C SER C 114 -11.87 36.08 18.83
N GLY C 115 -11.73 34.77 19.07
CA GLY C 115 -10.45 34.17 19.43
C GLY C 115 -9.46 34.04 18.27
N VAL C 116 -8.42 33.22 18.49
CA VAL C 116 -7.32 33.13 17.53
C VAL C 116 -7.80 32.59 16.17
N LEU C 117 -8.50 31.46 16.16
CA LEU C 117 -8.91 30.88 14.86
C LEU C 117 -9.90 31.81 14.13
N GLY C 118 -10.94 32.24 14.82
CA GLY C 118 -11.91 33.16 14.20
C GLY C 118 -11.30 34.39 13.56
N SER C 119 -10.34 34.99 14.25
CA SER C 119 -9.74 36.21 13.77
C SER C 119 -8.83 35.89 12.58
N ALA C 120 -8.05 34.82 12.70
CA ALA C 120 -7.09 34.50 11.61
C ALA C 120 -7.86 34.14 10.34
N LEU C 121 -8.85 33.30 10.49
CA LEU C 121 -9.64 32.81 9.36
C LEU C 121 -10.47 33.97 8.79
N GLY C 122 -11.04 34.79 9.68
CA GLY C 122 -11.79 35.95 9.26
C GLY C 122 -11.07 36.95 8.35
N LEU C 123 -9.76 36.98 8.46
CA LEU C 123 -8.98 37.88 7.64
C LEU C 123 -8.54 37.18 6.40
N ASP C 124 -8.82 35.88 6.30
CA ASP C 124 -8.41 35.09 5.10
C ASP C 124 -9.63 34.80 4.22
N LYS C 125 -9.81 35.64 3.21
CA LYS C 125 -10.96 35.60 2.33
C LYS C 125 -11.04 34.30 1.55
N PHE C 126 -9.90 33.77 1.18
CA PHE C 126 -9.83 32.56 0.39
C PHE C 126 -10.39 31.38 1.21
N ARG C 127 -9.81 31.14 2.36
CA ARG C 127 -10.26 30.04 3.20
C ARG C 127 -11.63 30.27 3.84
N THR C 128 -12.03 31.53 4.05
CA THR C 128 -13.37 31.83 4.51
C THR C 128 -14.34 31.31 3.43
N LYS C 129 -14.07 31.63 2.19
CA LYS C 129 -14.97 31.23 1.10
C LYS C 129 -15.00 29.71 0.93
N LEU C 130 -13.87 29.03 1.11
CA LEU C 130 -13.87 27.56 1.02
C LEU C 130 -14.77 26.89 2.07
N VAL C 131 -14.68 27.40 3.30
CA VAL C 131 -15.50 26.90 4.40
C VAL C 131 -16.98 27.15 4.08
N TRP C 132 -17.31 28.35 3.63
CA TRP C 132 -18.66 28.69 3.26
C TRP C 132 -19.23 27.81 2.17
N GLN C 133 -18.48 27.63 1.11
CA GLN C 133 -18.92 26.79 0.03
C GLN C 133 -19.19 25.35 0.49
N GLN C 134 -18.36 24.83 1.38
CA GLN C 134 -18.60 23.48 1.93
C GLN C 134 -19.78 23.37 2.88
N LEU C 135 -20.12 24.45 3.55
CA LEU C 135 -21.16 24.41 4.55
C LEU C 135 -22.49 25.00 4.05
N GLY C 136 -22.63 25.14 2.72
CA GLY C 136 -23.82 25.78 2.13
C GLY C 136 -24.09 27.25 2.39
N ILE C 137 -23.15 28.00 2.93
CA ILE C 137 -23.32 29.46 3.04
C ILE C 137 -23.02 30.05 1.67
N PRO C 138 -23.98 30.73 1.07
CA PRO C 138 -23.72 31.14 -0.31
C PRO C 138 -22.69 32.25 -0.41
N THR C 139 -21.92 32.25 -1.48
CA THR C 139 -20.83 33.17 -1.64
C THR C 139 -20.50 33.20 -3.13
N PRO C 140 -20.02 34.32 -3.66
CA PRO C 140 -19.78 34.32 -5.10
C PRO C 140 -18.78 33.25 -5.61
N PRO C 141 -19.14 32.50 -6.66
CA PRO C 141 -18.19 31.57 -7.28
C PRO C 141 -16.88 32.24 -7.66
N PHE C 142 -15.78 31.49 -7.68
CA PHE C 142 -14.47 32.10 -7.84
C PHE C 142 -13.37 31.13 -8.29
N GLU C 143 -12.30 31.69 -8.89
CA GLU C 143 -11.05 30.98 -9.15
C GLU C 143 -9.82 31.64 -8.47
N ALA C 144 -8.96 30.80 -7.92
CA ALA C 144 -7.75 31.23 -7.24
C ALA C 144 -6.58 31.28 -8.19
N VAL C 145 -5.72 32.27 -7.97
CA VAL C 145 -4.45 32.36 -8.67
C VAL C 145 -3.33 32.52 -7.61
N LEU C 146 -2.25 31.74 -7.74
CA LEU C 146 -1.08 31.81 -6.81
C LEU C 146 0.12 32.47 -7.52
N ARG C 147 0.78 33.40 -6.84
CA ARG C 147 2.01 34.02 -7.33
C ARG C 147 2.87 32.97 -8.04
N GLY C 148 3.02 33.10 -9.35
CA GLY C 148 3.77 32.14 -10.16
C GLY C 148 2.88 31.32 -11.08
N ASP C 149 1.56 31.51 -11.04
CA ASP C 149 0.66 30.86 -12.00
C ASP C 149 0.97 31.42 -13.41
N ASP C 150 0.65 30.68 -14.47
CA ASP C 150 0.77 31.19 -15.85
C ASP C 150 -0.37 32.15 -16.07
N TYR C 151 -0.14 33.41 -15.70
CA TYR C 151 -1.20 34.40 -15.60
C TYR C 151 -1.98 34.54 -16.91
N GLU C 152 -1.27 34.58 -18.04
CA GLU C 152 -1.89 34.65 -19.36
C GLU C 152 -2.74 33.40 -19.69
N ALA C 153 -2.23 32.23 -19.31
CA ALA C 153 -2.91 30.98 -19.63
C ALA C 153 -4.29 30.92 -18.96
N ARG C 154 -4.32 31.13 -17.64
CA ARG C 154 -5.51 30.87 -16.83
C ARG C 154 -6.85 31.36 -17.44
N ALA C 155 -6.90 32.62 -17.86
CA ALA C 155 -8.12 33.16 -18.45
C ALA C 155 -8.46 32.48 -19.79
N LEU C 162 -16.35 31.06 -15.05
CA LEU C 162 -15.76 32.39 -15.09
C LEU C 162 -16.85 33.39 -15.42
N GLY C 163 -16.83 34.00 -16.62
CA GLY C 163 -17.80 35.03 -17.00
C GLY C 163 -17.22 36.41 -16.76
N LEU C 164 -18.02 37.43 -17.05
CA LEU C 164 -17.64 38.82 -16.74
C LEU C 164 -18.86 39.63 -16.27
N PRO C 165 -18.62 40.68 -15.47
CA PRO C 165 -17.34 41.13 -14.89
C PRO C 165 -16.83 40.29 -13.69
N LEU C 166 -15.55 40.42 -13.37
CA LEU C 166 -14.93 39.78 -12.22
C LEU C 166 -14.30 40.84 -11.27
N PHE C 167 -14.17 40.53 -9.99
CA PHE C 167 -13.34 41.33 -9.07
C PHE C 167 -12.03 40.58 -8.80
N VAL C 168 -10.90 41.29 -8.87
CA VAL C 168 -9.60 40.73 -8.49
C VAL C 168 -9.34 41.22 -7.06
N LYS C 169 -9.26 40.28 -6.12
CA LYS C 169 -9.32 40.60 -4.68
C LYS C 169 -8.02 40.24 -3.94
N ILE C 180 -9.57 45.79 -7.84
CA ILE C 180 -9.77 46.10 -9.28
C ILE C 180 -10.95 45.29 -9.84
N LYS C 181 -11.99 45.97 -10.33
CA LYS C 181 -13.06 45.29 -11.10
C LYS C 181 -12.61 45.17 -12.57
N VAL C 182 -12.75 43.98 -13.16
CA VAL C 182 -12.29 43.70 -14.54
C VAL C 182 -13.47 43.35 -15.47
N LYS C 183 -13.67 44.12 -16.54
CA LYS C 183 -14.86 43.98 -17.39
C LYS C 183 -14.62 43.34 -18.78
N SER C 184 -13.37 43.23 -19.23
CA SER C 184 -13.03 42.48 -20.47
C SER C 184 -11.86 41.53 -20.31
N ALA C 185 -11.80 40.53 -21.18
CA ALA C 185 -10.89 39.40 -21.00
C ALA C 185 -9.39 39.76 -20.96
N ASP C 186 -8.94 40.58 -21.91
CA ASP C 186 -7.50 40.88 -22.02
C ASP C 186 -6.93 41.81 -20.95
N ALA C 187 -7.81 42.45 -20.17
CA ALA C 187 -7.37 43.32 -19.06
C ALA C 187 -7.06 42.54 -17.76
N LEU C 188 -7.51 41.29 -17.68
CA LEU C 188 -7.37 40.46 -16.47
C LEU C 188 -5.91 40.13 -16.13
N PRO C 189 -5.09 39.70 -17.12
CA PRO C 189 -3.66 39.43 -16.89
C PRO C 189 -2.92 40.49 -16.11
N ALA C 190 -3.09 41.74 -16.52
CA ALA C 190 -2.41 42.88 -15.93
C ALA C 190 -2.85 43.08 -14.49
N ALA C 191 -4.13 42.83 -14.21
CA ALA C 191 -4.69 42.97 -12.86
C ALA C 191 -4.27 41.83 -11.95
N LEU C 192 -4.12 40.64 -12.53
CA LEU C 192 -3.54 39.50 -11.80
C LEU C 192 -2.08 39.77 -11.45
N ILE C 193 -1.31 40.22 -12.45
CA ILE C 193 0.10 40.59 -12.25
C ILE C 193 0.26 41.68 -11.15
N GLU C 194 -0.63 42.68 -11.14
CA GLU C 194 -0.56 43.76 -10.14
C GLU C 194 -1.01 43.31 -8.73
N ALA C 195 -2.06 42.48 -8.64
CA ALA C 195 -2.58 42.04 -7.34
C ALA C 195 -1.69 40.99 -6.63
N VAL C 196 -0.97 40.17 -7.41
CA VAL C 196 0.04 39.24 -6.86
C VAL C 196 1.28 39.94 -6.26
N LYS C 197 1.36 41.27 -6.42
CA LYS C 197 2.39 42.07 -5.75
C LYS C 197 2.02 42.30 -4.28
N PHE C 198 0.73 42.18 -3.94
CA PHE C 198 0.23 42.40 -2.58
C PHE C 198 0.08 41.12 -1.74
N ASP C 199 -0.09 39.97 -2.40
CA ASP C 199 -0.38 38.71 -1.70
C ASP C 199 -0.01 37.54 -2.61
N ARG C 200 0.39 36.43 -2.01
CA ARG C 200 0.72 35.21 -2.77
C ARG C 200 -0.55 34.47 -3.26
N ILE C 201 -1.73 34.81 -2.73
CA ILE C 201 -3.00 34.15 -3.09
C ILE C 201 -4.05 35.18 -3.58
N VAL C 202 -4.46 35.06 -4.85
CA VAL C 202 -5.33 36.05 -5.53
C VAL C 202 -6.68 35.42 -5.90
N VAL C 203 -7.75 35.95 -5.31
CA VAL C 203 -9.12 35.50 -5.58
C VAL C 203 -9.73 36.31 -6.73
N VAL C 204 -10.06 35.63 -7.83
CA VAL C 204 -10.83 36.23 -8.97
C VAL C 204 -12.31 35.81 -8.80
N GLU C 205 -13.14 36.77 -8.38
CA GLU C 205 -14.47 36.50 -7.93
C GLU C 205 -15.50 37.01 -8.95
N LYS C 206 -16.52 36.21 -9.24
CA LYS C 206 -17.64 36.66 -10.09
C LYS C 206 -18.40 37.83 -9.37
N SER C 207 -18.71 38.89 -10.12
CA SER C 207 -19.48 40.01 -9.57
C SER C 207 -20.98 39.71 -9.60
N ILE C 208 -21.65 40.09 -8.52
CA ILE C 208 -23.08 39.92 -8.33
C ILE C 208 -23.70 41.24 -8.72
N GLU C 209 -24.57 41.22 -9.73
CA GLU C 209 -25.17 42.43 -10.26
C GLU C 209 -26.62 42.57 -9.81
N GLY C 210 -27.10 43.81 -9.75
CA GLY C 210 -28.53 44.11 -9.77
C GLY C 210 -29.26 44.16 -8.43
N GLY C 211 -28.55 43.94 -7.31
CA GLY C 211 -29.23 43.88 -6.03
C GLY C 211 -28.82 44.84 -4.92
N GLY C 212 -27.53 45.20 -4.92
CA GLY C 212 -26.96 46.00 -3.85
C GLY C 212 -25.99 45.28 -2.94
N GLU C 213 -25.20 46.07 -2.23
CA GLU C 213 -24.29 45.58 -1.19
C GLU C 213 -24.83 45.90 0.26
N TYR C 214 -24.73 44.93 1.16
CA TYR C 214 -25.26 45.10 2.53
C TYR C 214 -24.26 44.62 3.60
N THR C 215 -24.55 44.97 4.85
CA THR C 215 -23.80 44.43 5.98
C THR C 215 -24.76 44.23 7.14
N ALA C 216 -24.57 43.15 7.90
CA ALA C 216 -25.30 42.86 9.15
C ALA C 216 -24.29 42.97 10.27
N CYS C 217 -24.52 43.90 11.19
CA CYS C 217 -23.69 44.04 12.38
C CYS C 217 -24.16 43.04 13.43
N ILE C 218 -23.20 42.41 14.07
CA ILE C 218 -23.43 41.37 15.03
C ILE C 218 -22.85 41.82 16.37
N ALA C 219 -23.67 41.75 17.41
CA ALA C 219 -23.29 42.18 18.76
C ALA C 219 -24.16 41.38 19.72
N GLY C 220 -23.61 40.26 20.18
CA GLY C 220 -24.34 39.35 21.01
C GLY C 220 -25.67 39.00 20.38
N ASN C 221 -26.72 39.12 21.17
CA ASN C 221 -28.08 38.90 20.74
C ASN C 221 -28.81 40.20 20.40
N LEU C 222 -28.09 41.32 20.32
CA LEU C 222 -28.73 42.60 20.01
C LEU C 222 -29.30 42.49 18.60
N ASP C 223 -30.53 42.97 18.42
CA ASP C 223 -31.20 42.88 17.14
C ASP C 223 -30.93 44.20 16.41
N LEU C 224 -29.94 44.17 15.55
CA LEU C 224 -29.49 45.32 14.80
C LEU C 224 -29.89 45.20 13.32
N PRO C 225 -30.31 46.33 12.72
CA PRO C 225 -30.80 46.29 11.35
C PRO C 225 -29.71 46.23 10.36
N VAL C 226 -30.04 45.62 9.24
CA VAL C 226 -29.15 45.49 8.12
C VAL C 226 -28.98 46.90 7.53
N ILE C 227 -27.76 47.20 7.12
CA ILE C 227 -27.42 48.46 6.50
C ILE C 227 -27.08 48.23 5.03
N ARG C 228 -27.59 49.09 4.17
CA ARG C 228 -27.16 49.06 2.80
C ARG C 228 -26.01 50.04 2.58
N ILE C 229 -24.97 49.57 1.89
CA ILE C 229 -23.76 50.37 1.61
C ILE C 229 -23.77 50.77 0.15
N VAL C 230 -23.80 52.05 -0.13
CA VAL C 230 -23.81 52.52 -1.50
C VAL C 230 -22.41 53.00 -1.80
N PRO C 231 -21.73 52.33 -2.73
CA PRO C 231 -20.35 52.74 -2.92
C PRO C 231 -20.13 54.06 -3.68
N ALA C 232 -19.00 54.67 -3.35
CA ALA C 232 -18.44 55.85 -4.06
C ALA C 232 -18.34 55.62 -5.57
N GLY C 233 -17.80 54.48 -5.98
CA GLY C 233 -17.61 54.21 -7.42
C GLY C 233 -18.37 52.98 -7.90
N GLU C 234 -17.76 51.81 -7.69
CA GLU C 234 -18.22 50.51 -8.20
C GLU C 234 -18.24 49.45 -7.07
N ASN C 245 -15.04 60.85 -0.54
CA ASN C 245 -16.00 59.83 -1.02
C ASN C 245 -17.46 60.15 -0.58
N ASP C 246 -18.41 59.91 -1.50
CA ASP C 246 -19.88 60.00 -1.24
C ASP C 246 -20.56 58.62 -1.05
N THR C 247 -19.81 57.72 -0.40
CA THR C 247 -20.28 56.42 0.10
C THR C 247 -21.41 56.77 1.07
N GLN C 248 -22.44 55.97 1.08
CA GLN C 248 -23.58 56.23 1.91
C GLN C 248 -23.85 54.97 2.67
N TYR C 249 -24.21 55.10 3.94
CA TYR C 249 -24.68 53.98 4.76
C TYR C 249 -26.18 54.17 4.94
N LEU C 250 -26.99 53.20 4.54
CA LEU C 250 -28.41 53.44 4.41
C LEU C 250 -29.29 52.52 5.30
N ILE C 251 -30.05 53.16 6.19
CA ILE C 251 -31.06 52.56 7.00
C ILE C 251 -32.35 53.42 6.84
N PRO C 252 -33.49 52.81 6.47
CA PRO C 252 -33.70 51.40 6.19
C PRO C 252 -32.93 50.88 4.98
N CYS C 253 -32.46 49.65 5.08
CA CYS C 253 -31.70 49.05 3.99
C CYS C 253 -32.56 48.82 2.71
N GLY C 254 -33.89 48.84 2.88
CA GLY C 254 -34.80 48.75 1.73
C GLY C 254 -35.31 47.36 1.42
N LEU C 255 -34.94 46.39 2.24
CA LEU C 255 -35.48 45.05 2.14
C LEU C 255 -36.70 44.92 3.03
N THR C 256 -37.54 43.93 2.75
CA THR C 256 -38.67 43.65 3.64
C THR C 256 -38.21 43.13 5.00
N ALA C 257 -39.05 43.35 6.02
CA ALA C 257 -38.77 42.88 7.40
C ALA C 257 -38.56 41.38 7.42
N ASP C 258 -39.36 40.62 6.67
CA ASP C 258 -39.13 39.18 6.58
C ASP C 258 -37.79 38.84 5.95
N GLU C 259 -37.42 39.47 4.85
CA GLU C 259 -36.10 39.19 4.27
C GLU C 259 -34.96 39.58 5.22
N GLU C 260 -35.11 40.74 5.86
CA GLU C 260 -34.08 41.23 6.74
C GLU C 260 -33.88 40.22 7.87
N ALA C 261 -34.99 39.74 8.43
CA ALA C 261 -34.96 38.75 9.52
C ALA C 261 -34.25 37.44 9.07
N ARG C 262 -34.55 36.96 7.90
CA ARG C 262 -33.84 35.79 7.38
C ARG C 262 -32.38 36.00 7.14
N LEU C 263 -32.07 37.09 6.49
CA LEU C 263 -30.69 37.38 6.16
C LEU C 263 -29.84 37.53 7.41
N LYS C 264 -30.42 38.03 8.51
CA LYS C 264 -29.65 38.19 9.74
C LYS C 264 -29.28 36.85 10.38
N VAL C 265 -30.21 35.89 10.35
CA VAL C 265 -29.95 34.55 10.85
C VAL C 265 -28.85 33.88 9.99
N LEU C 266 -28.95 34.04 8.70
CA LEU C 266 -28.01 33.46 7.78
C LEU C 266 -26.63 34.11 7.90
N ALA C 267 -26.61 35.44 8.08
CA ALA C 267 -25.36 36.21 8.28
C ALA C 267 -24.68 35.74 9.56
N ARG C 268 -25.47 35.52 10.60
CA ARG C 268 -24.92 35.12 11.89
C ARG C 268 -24.31 33.72 11.78
N ARG C 269 -24.93 32.86 10.97
CA ARG C 269 -24.36 31.53 10.76
C ARG C 269 -23.03 31.59 9.96
N ALA C 270 -23.01 32.40 8.91
CA ALA C 270 -21.81 32.63 8.09
C ALA C 270 -20.61 33.07 8.97
N PHE C 271 -20.90 33.89 9.95
CA PHE C 271 -19.95 34.38 10.92
C PHE C 271 -19.53 33.26 11.88
N ASP C 272 -20.51 32.60 12.50
CA ASP C 272 -20.20 31.60 13.53
C ASP C 272 -19.44 30.36 13.01
N VAL C 273 -19.76 29.88 11.78
CA VAL C 273 -19.09 28.68 11.25
C VAL C 273 -17.59 28.88 11.01
N LEU C 274 -17.12 30.12 10.93
CA LEU C 274 -15.69 30.38 10.83
C LEU C 274 -14.91 30.39 12.19
N GLY C 275 -15.61 30.21 13.31
CA GLY C 275 -15.01 30.34 14.64
C GLY C 275 -15.12 31.74 15.21
N CYS C 276 -15.76 32.69 14.48
CA CYS C 276 -15.89 34.06 14.95
C CYS C 276 -17.00 34.07 15.98
N THR C 277 -16.84 34.85 17.02
CA THR C 277 -17.90 34.92 18.04
C THR C 277 -18.21 36.35 18.38
N ASP C 278 -19.49 36.59 18.69
CA ASP C 278 -19.93 37.69 19.58
C ASP C 278 -20.03 39.09 18.96
N TRP C 279 -19.06 39.46 18.16
CA TRP C 279 -18.89 40.83 17.77
C TRP C 279 -18.24 40.94 16.42
N GLY C 280 -18.92 41.58 15.46
CA GLY C 280 -18.34 41.76 14.10
C GLY C 280 -19.39 42.12 13.06
N ARG C 281 -19.06 41.93 11.79
CA ARG C 281 -19.96 42.20 10.68
C ARG C 281 -19.81 41.11 9.66
N ALA C 282 -20.89 40.83 8.93
CA ALA C 282 -20.86 39.94 7.76
C ALA C 282 -21.37 40.78 6.59
N ASP C 283 -20.56 40.93 5.56
CA ASP C 283 -20.92 41.67 4.36
C ASP C 283 -21.44 40.73 3.26
N PHE C 284 -22.41 41.22 2.48
CA PHE C 284 -23.02 40.42 1.44
C PHE C 284 -23.64 41.26 0.34
N MET C 285 -23.77 40.65 -0.83
CA MET C 285 -24.40 41.22 -2.01
C MET C 285 -25.73 40.52 -2.17
N LEU C 286 -26.67 41.17 -2.83
CA LEU C 286 -27.86 40.52 -3.28
C LEU C 286 -27.80 40.59 -4.77
N ASP C 287 -28.25 39.53 -5.44
CA ASP C 287 -28.41 39.57 -6.87
C ASP C 287 -29.80 40.17 -7.22
N ALA C 288 -30.13 40.18 -8.50
CA ALA C 288 -31.31 40.89 -8.98
C ALA C 288 -32.62 40.27 -8.47
N ASP C 289 -32.59 39.00 -8.06
CA ASP C 289 -33.76 38.32 -7.48
C ASP C 289 -33.78 38.26 -5.97
N GLY C 290 -32.83 38.94 -5.31
CA GLY C 290 -32.73 38.92 -3.87
C GLY C 290 -31.99 37.71 -3.25
N ASN C 291 -31.29 36.90 -4.05
CA ASN C 291 -30.40 35.83 -3.49
C ASN C 291 -29.14 36.44 -2.88
N PRO C 292 -28.83 36.10 -1.64
CA PRO C 292 -27.66 36.69 -1.02
C PRO C 292 -26.39 35.91 -1.32
N TYR C 293 -25.28 36.62 -1.42
CA TYR C 293 -23.94 36.04 -1.53
C TYR C 293 -23.00 36.77 -0.54
N PHE C 294 -22.51 36.03 0.47
CA PHE C 294 -21.60 36.56 1.47
C PHE C 294 -20.22 36.76 0.92
N LEU C 295 -19.65 37.92 1.25
CA LEU C 295 -18.36 38.35 0.70
C LEU C 295 -17.24 38.15 1.71
N GLU C 296 -17.46 38.60 2.96
CA GLU C 296 -16.47 38.45 4.03
C GLU C 296 -17.04 38.81 5.38
N VAL C 297 -16.27 38.54 6.43
CA VAL C 297 -16.61 38.97 7.75
C VAL C 297 -15.53 39.93 8.22
N ASN C 298 -15.85 40.68 9.28
CA ASN C 298 -14.95 41.62 9.90
C ASN C 298 -15.08 41.35 11.38
N THR C 299 -13.97 41.08 12.02
CA THR C 299 -13.97 40.69 13.43
C THR C 299 -13.55 41.82 14.37
N ALA C 300 -13.32 43.01 13.82
CA ALA C 300 -12.84 44.19 14.58
C ALA C 300 -13.45 45.47 13.97
N PRO C 301 -14.76 45.64 14.09
CA PRO C 301 -15.45 46.77 13.47
C PRO C 301 -15.16 48.13 14.08
N GLY C 302 -15.25 49.17 13.26
CA GLY C 302 -14.95 50.51 13.69
C GLY C 302 -15.94 50.89 14.79
N MET C 303 -15.47 51.70 15.72
CA MET C 303 -16.32 52.27 16.76
C MET C 303 -16.18 53.79 16.82
N THR C 304 -15.88 54.40 15.69
CA THR C 304 -15.92 55.84 15.55
C THR C 304 -17.38 56.27 15.50
N ASP C 305 -17.62 57.55 15.63
CA ASP C 305 -18.98 58.03 15.57
C ASP C 305 -19.68 57.83 14.22
N HIS C 306 -18.88 57.70 13.18
CA HIS C 306 -19.40 57.45 11.84
C HIS C 306 -19.36 56.01 11.44
N SER C 307 -18.99 55.09 12.34
CA SER C 307 -18.79 53.68 11.95
C SER C 307 -20.14 52.99 11.89
N LEU C 308 -20.17 51.85 11.23
CA LEU C 308 -21.39 51.11 11.02
C LEU C 308 -22.12 50.69 12.31
N PRO C 309 -21.44 50.05 13.28
CA PRO C 309 -22.24 49.54 14.44
C PRO C 309 -22.91 50.61 15.29
N PRO C 310 -22.23 51.70 15.58
CA PRO C 310 -23.01 52.79 16.22
C PRO C 310 -24.22 53.24 15.45
N LYS C 311 -24.14 53.26 14.11
CA LYS C 311 -25.30 53.69 13.31
C LYS C 311 -26.41 52.65 13.43
N ALA C 312 -26.06 51.37 13.29
CA ALA C 312 -27.08 50.31 13.44
C ALA C 312 -27.72 50.38 14.86
N ALA C 313 -26.92 50.52 15.90
CA ALA C 313 -27.44 50.63 17.26
C ALA C 313 -28.37 51.87 17.41
N ARG C 314 -27.93 53.06 17.01
CA ARG C 314 -28.77 54.24 17.13
C ARG C 314 -30.14 54.09 16.42
N ALA C 315 -30.17 53.40 15.26
CA ALA C 315 -31.38 53.28 14.47
C ALA C 315 -32.50 52.56 15.23
N VAL C 316 -32.14 51.70 16.18
CA VAL C 316 -33.17 51.05 17.02
C VAL C 316 -33.08 51.47 18.47
N GLY C 317 -32.60 52.69 18.71
CA GLY C 317 -32.70 53.32 20.02
C GLY C 317 -31.68 52.82 21.00
N ILE C 318 -30.62 52.17 20.55
CA ILE C 318 -29.62 51.69 21.46
C ILE C 318 -28.48 52.70 21.39
N SER C 319 -28.12 53.25 22.53
CA SER C 319 -27.12 54.29 22.54
C SER C 319 -25.69 53.72 22.33
N TYR C 320 -24.76 54.61 22.00
CA TYR C 320 -23.35 54.20 21.83
C TYR C 320 -22.88 53.48 23.11
N GLN C 321 -23.12 54.10 24.25
CA GLN C 321 -22.74 53.54 25.52
C GLN C 321 -23.29 52.13 25.76
N GLU C 322 -24.57 51.94 25.50
CA GLU C 322 -25.20 50.63 25.72
C GLU C 322 -24.53 49.58 24.80
N LEU C 323 -24.19 50.00 23.57
CA LEU C 323 -23.52 49.09 22.66
C LEU C 323 -22.18 48.61 23.22
N VAL C 324 -21.35 49.56 23.69
CA VAL C 324 -20.01 49.19 24.17
C VAL C 324 -20.11 48.29 25.40
N VAL C 325 -21.03 48.63 26.31
CA VAL C 325 -21.22 47.81 27.49
C VAL C 325 -21.71 46.41 27.14
N ALA C 326 -22.65 46.32 26.21
CA ALA C 326 -23.19 45.05 25.81
C ALA C 326 -22.12 44.16 25.12
N VAL C 327 -21.24 44.75 24.34
CA VAL C 327 -20.16 43.99 23.75
C VAL C 327 -19.17 43.55 24.80
N LEU C 328 -18.84 44.42 25.76
CA LEU C 328 -17.92 44.01 26.85
C LEU C 328 -18.56 42.96 27.76
N ALA C 329 -19.87 43.03 27.91
CA ALA C 329 -20.59 42.07 28.78
C ALA C 329 -20.45 40.64 28.32
N LEU C 330 -20.26 40.44 27.02
CA LEU C 330 -20.05 39.08 26.46
C LEU C 330 -18.79 38.40 26.97
N THR C 331 -17.79 39.18 27.42
CA THR C 331 -16.56 38.64 28.03
C THR C 331 -16.72 38.16 29.49
N LEU C 332 -17.88 38.45 30.10
CA LEU C 332 -18.25 37.89 31.39
C LEU C 332 -18.61 36.41 31.25
N LYS C 333 -19.00 35.98 30.06
CA LYS C 333 -19.10 34.54 29.70
C LYS C 333 -17.88 33.68 30.09
N SER D 24 61.01 -12.46 8.62
CA SER D 24 61.05 -13.92 8.20
C SER D 24 62.02 -14.87 9.00
N ILE D 25 63.33 -14.58 8.96
CA ILE D 25 64.37 -15.37 9.65
C ILE D 25 65.08 -14.45 10.67
N ASP D 26 65.21 -14.86 11.93
CA ASP D 26 65.99 -14.05 12.88
C ASP D 26 67.43 -13.91 12.38
N PRO D 27 67.90 -12.67 12.24
CA PRO D 27 69.29 -12.40 11.81
C PRO D 27 70.41 -13.09 12.59
N LYS D 28 70.21 -13.29 13.90
CA LYS D 28 71.21 -13.97 14.72
C LYS D 28 71.43 -15.43 14.29
N GLN D 29 70.44 -16.06 13.63
CA GLN D 29 70.61 -17.41 13.09
C GLN D 29 71.75 -17.52 12.05
N PHE D 30 72.10 -16.42 11.38
CA PHE D 30 73.18 -16.47 10.39
C PHE D 30 74.58 -16.40 10.98
N GLY D 31 74.70 -15.98 12.23
CA GLY D 31 76.04 -15.71 12.79
C GLY D 31 76.80 -14.64 11.98
N LYS D 32 78.12 -14.78 11.93
CA LYS D 32 78.98 -13.79 11.32
C LYS D 32 79.22 -14.20 9.88
N VAL D 33 78.86 -13.29 8.95
CA VAL D 33 78.81 -13.56 7.53
C VAL D 33 79.84 -12.73 6.76
N ALA D 34 80.55 -13.38 5.86
CA ALA D 34 81.45 -12.68 4.95
C ALA D 34 80.70 -12.51 3.65
N VAL D 35 80.81 -11.33 3.05
CA VAL D 35 80.47 -11.19 1.65
C VAL D 35 81.78 -11.23 0.85
N LEU D 36 81.93 -12.26 0.03
CA LEU D 36 83.09 -12.41 -0.83
C LEU D 36 82.87 -11.59 -2.09
N LEU D 37 83.78 -10.65 -2.35
CA LEU D 37 83.65 -9.74 -3.49
C LEU D 37 85.01 -9.27 -4.04
N GLY D 38 85.01 -8.83 -5.28
CA GLY D 38 86.27 -8.42 -5.93
C GLY D 38 86.99 -9.55 -6.63
N GLY D 39 88.05 -10.01 -6.01
CA GLY D 39 88.78 -11.13 -6.57
C GLY D 39 89.71 -10.70 -7.68
N ASN D 40 90.22 -11.66 -8.47
CA ASN D 40 91.27 -11.46 -9.50
C ASN D 40 90.80 -11.64 -10.93
N SER D 41 89.57 -12.09 -11.15
CA SER D 41 89.04 -12.29 -12.50
C SER D 41 88.79 -11.02 -13.36
N ALA D 42 88.51 -11.27 -14.64
CA ALA D 42 88.13 -10.20 -15.58
C ALA D 42 86.89 -9.46 -15.09
N GLU D 43 86.06 -10.14 -14.34
CA GLU D 43 84.82 -9.57 -13.83
C GLU D 43 84.95 -8.94 -12.44
N ARG D 44 86.17 -8.64 -12.00
CA ARG D 44 86.37 -7.96 -10.71
C ARG D 44 85.45 -6.77 -10.43
N GLU D 45 85.28 -5.87 -11.41
CA GLU D 45 84.48 -4.67 -11.23
C GLU D 45 83.03 -4.98 -10.93
N VAL D 46 82.45 -5.90 -11.69
CA VAL D 46 81.06 -6.24 -11.54
C VAL D 46 80.87 -6.87 -10.16
N SER D 47 81.84 -7.68 -9.75
CA SER D 47 81.81 -8.28 -8.40
C SER D 47 81.86 -7.22 -7.27
N LEU D 48 82.69 -6.20 -7.40
CA LEU D 48 82.72 -5.16 -6.39
C LEU D 48 81.32 -4.52 -6.30
N ASN D 49 80.68 -4.36 -7.45
CA ASN D 49 79.35 -3.75 -7.52
C ASN D 49 78.32 -4.68 -6.88
N SER D 50 78.33 -5.95 -7.24
CA SER D 50 77.43 -6.93 -6.63
C SER D 50 77.63 -6.97 -5.11
N GLY D 51 78.90 -7.11 -4.72
CA GLY D 51 79.25 -7.30 -3.33
C GLY D 51 78.87 -6.16 -2.45
N ARG D 52 79.11 -4.94 -2.89
CA ARG D 52 78.71 -3.81 -2.10
C ARG D 52 77.20 -3.83 -1.82
N LEU D 53 76.42 -4.16 -2.84
CA LEU D 53 74.95 -4.15 -2.69
C LEU D 53 74.47 -5.32 -1.83
N VAL D 54 75.11 -6.48 -1.96
CA VAL D 54 74.75 -7.64 -1.15
C VAL D 54 75.02 -7.30 0.30
N LEU D 55 76.19 -6.74 0.57
CA LEU D 55 76.60 -6.37 1.93
C LEU D 55 75.61 -5.43 2.54
N GLN D 56 75.19 -4.44 1.78
CA GLN D 56 74.26 -3.42 2.32
C GLN D 56 72.86 -4.01 2.63
N GLY D 57 72.33 -4.87 1.74
CA GLY D 57 71.07 -5.58 1.97
C GLY D 57 71.15 -6.51 3.19
N LEU D 58 72.25 -7.26 3.35
CA LEU D 58 72.39 -8.11 4.53
C LEU D 58 72.45 -7.27 5.81
N ARG D 59 73.25 -6.18 5.78
CA ARG D 59 73.35 -5.33 6.95
C ARG D 59 72.00 -4.72 7.26
N ASP D 60 71.21 -4.33 6.25
CA ASP D 60 69.89 -3.72 6.53
C ASP D 60 68.94 -4.78 7.09
N ALA D 61 69.24 -6.05 6.84
CA ALA D 61 68.41 -7.13 7.36
C ALA D 61 68.77 -7.40 8.83
N GLY D 62 69.81 -6.75 9.33
CA GLY D 62 70.26 -6.94 10.69
C GLY D 62 71.35 -7.99 10.78
N ILE D 63 71.82 -8.54 9.65
CA ILE D 63 72.78 -9.59 9.66
C ILE D 63 74.20 -9.03 9.93
N ASP D 64 75.00 -9.77 10.71
CA ASP D 64 76.35 -9.35 11.05
C ASP D 64 77.29 -9.67 9.84
N ALA D 65 77.14 -8.90 8.77
CA ALA D 65 77.85 -9.10 7.54
C ALA D 65 79.04 -8.13 7.35
N HIS D 66 80.06 -8.55 6.64
CA HIS D 66 81.29 -7.81 6.42
C HIS D 66 81.90 -8.15 5.08
N PRO D 67 82.53 -7.19 4.38
CA PRO D 67 83.15 -7.50 3.08
C PRO D 67 84.42 -8.30 3.30
N PHE D 68 84.76 -9.10 2.33
CA PHE D 68 86.00 -9.85 2.35
C PHE D 68 86.43 -10.08 0.92
N ASP D 69 87.52 -9.42 0.51
CA ASP D 69 88.03 -9.54 -0.86
C ASP D 69 89.24 -10.50 -0.86
N PRO D 70 89.08 -11.70 -1.47
CA PRO D 70 90.20 -12.67 -1.45
C PRO D 70 91.40 -12.33 -2.36
N ALA D 71 91.29 -11.31 -3.19
CA ALA D 71 92.48 -10.78 -3.89
C ALA D 71 93.42 -10.01 -2.97
N GLU D 72 92.94 -9.61 -1.77
CA GLU D 72 93.63 -8.65 -0.89
C GLU D 72 93.84 -9.17 0.53
N ARG D 73 93.09 -10.21 0.92
CA ARG D 73 93.16 -10.76 2.27
C ARG D 73 93.34 -12.24 2.18
N PRO D 74 94.12 -12.80 3.11
CA PRO D 74 94.34 -14.20 3.02
C PRO D 74 93.08 -14.93 3.48
N LEU D 75 92.74 -16.00 2.74
CA LEU D 75 91.55 -16.80 3.09
C LEU D 75 91.56 -17.28 4.54
N ALA D 76 92.73 -17.56 5.12
CA ALA D 76 92.76 -18.07 6.50
C ALA D 76 92.19 -17.07 7.50
N ALA D 77 92.15 -15.77 7.15
CA ALA D 77 91.59 -14.80 8.08
C ALA D 77 90.07 -15.03 8.31
N LEU D 78 89.38 -15.70 7.38
CA LEU D 78 87.96 -16.04 7.57
C LEU D 78 87.78 -16.89 8.81
N LYS D 79 88.55 -17.96 8.92
CA LYS D 79 88.46 -18.86 10.09
C LYS D 79 88.93 -18.15 11.35
N GLU D 80 90.08 -17.50 11.25
CA GLU D 80 90.66 -16.84 12.38
C GLU D 80 89.74 -15.71 12.92
N GLU D 81 88.92 -15.10 12.08
CA GLU D 81 88.04 -14.03 12.56
C GLU D 81 86.62 -14.51 12.90
N GLY D 82 86.37 -15.83 12.89
CA GLY D 82 85.06 -16.38 13.31
C GLY D 82 83.92 -16.31 12.30
N PHE D 83 84.23 -16.05 11.03
CA PHE D 83 83.22 -16.08 10.01
C PHE D 83 82.69 -17.51 9.84
N VAL D 84 81.37 -17.72 9.92
CA VAL D 84 80.80 -19.08 9.77
C VAL D 84 80.28 -19.38 8.39
N ARG D 85 79.99 -18.34 7.60
CA ARG D 85 79.44 -18.54 6.28
C ARG D 85 79.77 -17.37 5.38
N ALA D 86 79.55 -17.56 4.09
CA ALA D 86 79.77 -16.48 3.13
C ALA D 86 78.68 -16.39 2.07
N PHE D 87 78.35 -15.16 1.67
CA PHE D 87 77.63 -14.91 0.47
C PHE D 87 78.67 -14.67 -0.61
N ASN D 88 78.70 -15.57 -1.59
CA ASN D 88 79.64 -15.45 -2.70
C ASN D 88 79.10 -14.49 -3.76
N ALA D 89 79.68 -13.29 -3.84
CA ALA D 89 79.37 -12.36 -4.86
C ALA D 89 80.59 -12.21 -5.79
N LEU D 90 81.44 -13.23 -5.90
CA LEU D 90 82.50 -13.26 -6.91
C LEU D 90 81.92 -13.70 -8.23
N HIS D 91 82.54 -13.27 -9.33
CA HIS D 91 82.10 -13.66 -10.66
C HIS D 91 83.33 -14.05 -11.46
N GLY D 92 83.21 -15.16 -12.20
CA GLY D 92 84.33 -15.71 -13.00
C GLY D 92 85.54 -16.20 -12.23
N GLY D 93 86.45 -16.89 -12.95
CA GLY D 93 87.67 -17.42 -12.36
C GLY D 93 87.42 -18.28 -11.11
N TYR D 94 88.26 -18.10 -10.10
CA TYR D 94 88.23 -19.00 -8.95
C TYR D 94 86.94 -18.85 -8.13
N GLY D 95 86.26 -17.71 -8.28
CA GLY D 95 85.01 -17.51 -7.53
C GLY D 95 83.86 -18.35 -8.02
N GLU D 96 83.97 -18.89 -9.24
CA GLU D 96 82.83 -19.56 -9.89
C GLU D 96 83.17 -20.98 -10.40
N ASN D 97 84.45 -21.34 -10.43
CA ASN D 97 84.86 -22.61 -11.10
C ASN D 97 85.09 -23.79 -10.13
N GLY D 98 84.77 -23.60 -8.84
CA GLY D 98 84.95 -24.65 -7.86
C GLY D 98 86.19 -24.46 -6.98
N GLN D 99 87.10 -23.56 -7.37
CA GLN D 99 88.35 -23.44 -6.66
C GLN D 99 88.15 -22.82 -5.29
N ILE D 100 87.50 -21.68 -5.21
CA ILE D 100 87.27 -21.05 -3.89
C ILE D 100 86.28 -21.91 -3.07
N GLN D 101 85.32 -22.56 -3.77
CA GLN D 101 84.40 -23.42 -3.09
C GLN D 101 85.23 -24.55 -2.37
N GLY D 102 86.19 -25.13 -3.08
CA GLY D 102 87.04 -26.15 -2.47
C GLY D 102 87.84 -25.63 -1.29
N ALA D 103 88.37 -24.42 -1.42
CA ALA D 103 89.17 -23.87 -0.32
C ALA D 103 88.29 -23.65 0.96
N LEU D 104 87.06 -23.21 0.75
CA LEU D 104 86.13 -22.93 1.86
C LEU D 104 85.64 -24.27 2.45
N ASP D 105 85.44 -25.29 1.60
CA ASP D 105 85.11 -26.61 2.08
C ASP D 105 86.16 -27.04 3.15
N PHE D 106 87.42 -26.73 2.92
CA PHE D 106 88.51 -27.09 3.92
C PHE D 106 88.45 -26.34 5.24
N TYR D 107 87.88 -25.15 5.26
CA TYR D 107 87.69 -24.45 6.54
C TYR D 107 86.35 -24.75 7.15
N GLY D 108 85.52 -25.55 6.50
CA GLY D 108 84.18 -25.81 7.02
C GLY D 108 83.30 -24.57 6.94
N ILE D 109 83.57 -23.69 5.97
CA ILE D 109 82.85 -22.44 5.85
C ILE D 109 81.80 -22.63 4.79
N ARG D 110 80.56 -22.41 5.17
CA ARG D 110 79.48 -22.59 4.23
C ARG D 110 79.35 -21.36 3.33
N TYR D 111 78.82 -21.57 2.14
CA TYR D 111 78.73 -20.50 1.15
C TYR D 111 77.49 -20.70 0.33
N THR D 112 77.03 -19.63 -0.28
CA THR D 112 75.86 -19.67 -1.11
C THR D 112 76.20 -20.39 -2.41
N GLY D 113 75.18 -20.93 -3.07
CA GLY D 113 75.36 -21.42 -4.44
C GLY D 113 75.97 -22.82 -4.41
N SER D 114 76.62 -23.19 -5.49
CA SER D 114 76.89 -24.56 -5.79
C SER D 114 78.26 -24.98 -5.28
N GLY D 115 78.40 -26.26 -4.98
CA GLY D 115 79.66 -26.87 -4.51
C GLY D 115 80.63 -27.04 -5.66
N VAL D 116 81.65 -27.84 -5.41
CA VAL D 116 82.74 -27.97 -6.33
C VAL D 116 82.30 -28.51 -7.70
N LEU D 117 81.61 -29.64 -7.73
CA LEU D 117 81.25 -30.28 -9.00
C LEU D 117 80.29 -29.35 -9.78
N GLY D 118 79.23 -28.90 -9.12
CA GLY D 118 78.27 -28.02 -9.78
C GLY D 118 78.91 -26.84 -10.44
N SER D 119 79.84 -26.26 -9.74
CA SER D 119 80.49 -25.04 -10.23
C SER D 119 81.42 -25.40 -11.41
N ALA D 120 82.18 -26.48 -11.26
CA ALA D 120 83.16 -26.80 -12.34
C ALA D 120 82.41 -27.24 -13.59
N LEU D 121 81.38 -28.04 -13.39
CA LEU D 121 80.63 -28.58 -14.54
C LEU D 121 79.82 -27.47 -15.19
N GLY D 122 79.26 -26.60 -14.34
CA GLY D 122 78.48 -25.48 -14.83
C GLY D 122 79.21 -24.55 -15.78
N LEU D 123 80.55 -24.51 -15.69
CA LEU D 123 81.32 -23.64 -16.51
C LEU D 123 81.77 -24.38 -17.73
N ASP D 124 81.53 -25.69 -17.78
CA ASP D 124 81.99 -26.52 -18.92
C ASP D 124 80.81 -26.84 -19.84
N LYS D 125 80.68 -26.04 -20.88
CA LYS D 125 79.52 -26.09 -21.77
C LYS D 125 79.41 -27.41 -22.54
N PHE D 126 80.54 -27.94 -22.91
CA PHE D 126 80.63 -29.17 -23.64
C PHE D 126 80.06 -30.32 -22.79
N ARG D 127 80.63 -30.54 -21.62
CA ARG D 127 80.15 -31.59 -20.75
C ARG D 127 78.74 -31.33 -20.13
N THR D 128 78.35 -30.07 -19.96
CA THR D 128 76.99 -29.74 -19.56
C THR D 128 76.04 -30.30 -20.64
N LYS D 129 76.33 -30.03 -21.89
CA LYS D 129 75.45 -30.47 -22.97
C LYS D 129 75.40 -32.00 -23.10
N LEU D 130 76.51 -32.67 -22.87
CA LEU D 130 76.53 -34.15 -22.91
C LEU D 130 75.60 -34.74 -21.87
N VAL D 131 75.66 -34.19 -20.67
CA VAL D 131 74.83 -34.66 -19.55
C VAL D 131 73.37 -34.41 -19.87
N TRP D 132 73.05 -33.22 -20.39
CA TRP D 132 71.68 -32.90 -20.81
C TRP D 132 71.13 -33.82 -21.86
N GLN D 133 71.92 -34.06 -22.90
CA GLN D 133 71.48 -34.92 -23.97
C GLN D 133 71.16 -36.33 -23.45
N GLN D 134 71.96 -36.83 -22.52
CA GLN D 134 71.73 -38.18 -21.98
C GLN D 134 70.54 -38.26 -21.04
N LEU D 135 70.19 -37.16 -20.39
CA LEU D 135 69.15 -37.16 -19.41
C LEU D 135 67.85 -36.57 -19.97
N GLY D 136 67.73 -36.44 -21.29
CA GLY D 136 66.50 -35.84 -21.91
C GLY D 136 66.20 -34.37 -21.62
N ILE D 137 67.18 -33.60 -21.18
CA ILE D 137 67.06 -32.16 -21.17
C ILE D 137 67.38 -31.66 -22.57
N PRO D 138 66.43 -31.00 -23.22
CA PRO D 138 66.74 -30.61 -24.60
C PRO D 138 67.78 -29.49 -24.69
N THR D 139 68.59 -29.57 -25.72
CA THR D 139 69.69 -28.64 -25.89
C THR D 139 70.04 -28.68 -27.37
N PRO D 140 70.60 -27.61 -27.93
CA PRO D 140 70.83 -27.67 -29.38
C PRO D 140 71.80 -28.76 -29.82
N PRO D 141 71.46 -29.51 -30.86
CA PRO D 141 72.40 -30.48 -31.45
C PRO D 141 73.73 -29.85 -31.81
N PHE D 142 74.82 -30.62 -31.76
CA PHE D 142 76.14 -30.02 -31.94
C PHE D 142 77.20 -31.04 -32.38
N GLU D 143 78.19 -30.55 -33.16
CA GLU D 143 79.48 -31.23 -33.35
C GLU D 143 80.67 -30.36 -32.80
N ALA D 144 81.66 -31.01 -32.15
CA ALA D 144 82.98 -30.42 -31.80
C ALA D 144 83.89 -30.13 -33.00
N GLY D 163 73.86 -28.22 -40.61
CA GLY D 163 73.05 -27.20 -41.25
C GLY D 163 73.67 -25.83 -41.04
N LEU D 164 72.95 -24.79 -41.46
CA LEU D 164 73.35 -23.41 -41.12
C LEU D 164 72.12 -22.58 -40.69
N PRO D 165 72.34 -21.50 -39.92
CA PRO D 165 73.61 -21.06 -39.30
C PRO D 165 74.07 -21.87 -38.06
N LEU D 166 75.35 -21.74 -37.72
CA LEU D 166 75.94 -22.37 -36.55
C LEU D 166 76.56 -21.32 -35.61
N PHE D 167 76.69 -21.66 -34.32
CA PHE D 167 77.54 -20.88 -33.41
C PHE D 167 78.83 -21.66 -33.13
N VAL D 168 79.97 -21.00 -33.34
CA VAL D 168 81.31 -21.48 -32.96
C VAL D 168 81.54 -21.04 -31.48
N LYS D 169 81.84 -21.99 -30.57
CA LYS D 169 81.89 -21.74 -29.11
C LYS D 169 82.92 -22.61 -28.36
N VAL D 202 86.52 -26.98 -29.67
CA VAL D 202 85.68 -25.94 -30.23
C VAL D 202 84.28 -26.48 -30.48
N VAL D 203 83.30 -25.90 -29.79
CA VAL D 203 81.90 -26.33 -29.95
C VAL D 203 81.31 -25.70 -31.22
N VAL D 204 80.72 -26.52 -32.08
CA VAL D 204 79.92 -26.03 -33.23
C VAL D 204 78.42 -26.40 -33.02
N GLU D 205 77.62 -25.40 -32.64
CA GLU D 205 76.24 -25.63 -32.19
C GLU D 205 75.26 -25.13 -33.24
N LYS D 206 74.20 -25.90 -33.50
CA LYS D 206 73.12 -25.45 -34.40
C LYS D 206 72.35 -24.28 -33.75
N SER D 207 72.08 -23.23 -34.53
CA SER D 207 71.32 -22.09 -34.02
C SER D 207 69.82 -22.37 -34.08
N ILE D 208 69.12 -21.98 -33.03
CA ILE D 208 67.67 -22.10 -32.87
C ILE D 208 67.05 -20.78 -33.32
N GLU D 209 66.20 -20.83 -34.35
CA GLU D 209 65.64 -19.63 -34.96
C GLU D 209 64.18 -19.47 -34.60
N GLY D 210 63.70 -18.22 -34.57
CA GLY D 210 62.28 -17.90 -34.62
C GLY D 210 61.52 -17.78 -33.30
N GLY D 211 62.22 -17.96 -32.17
CA GLY D 211 61.53 -18.00 -30.89
C GLY D 211 61.93 -17.02 -29.80
N GLY D 212 63.22 -16.65 -29.78
CA GLY D 212 63.76 -15.83 -28.69
C GLY D 212 64.70 -16.56 -27.70
N GLU D 213 65.44 -15.76 -26.94
CA GLU D 213 66.28 -16.23 -25.90
C GLU D 213 65.72 -15.86 -24.51
N TYR D 214 65.80 -16.79 -23.58
CA TYR D 214 65.25 -16.57 -22.24
C TYR D 214 66.19 -17.02 -21.12
N THR D 215 65.89 -16.58 -19.90
CA THR D 215 66.56 -17.08 -18.71
C THR D 215 65.59 -17.24 -17.58
N ALA D 216 65.76 -18.31 -16.79
CA ALA D 216 64.99 -18.59 -15.54
C ALA D 216 65.95 -18.43 -14.38
N CYS D 217 65.68 -17.48 -13.49
CA CYS D 217 66.45 -17.30 -12.28
C CYS D 217 65.97 -18.29 -11.23
N ILE D 218 66.93 -18.91 -10.54
CA ILE D 218 66.70 -19.94 -9.54
C ILE D 218 67.22 -19.41 -8.19
N ALA D 219 66.38 -19.45 -7.17
CA ALA D 219 66.70 -19.00 -5.84
C ALA D 219 65.81 -19.74 -4.89
N GLY D 220 66.38 -20.83 -4.37
CA GLY D 220 65.60 -21.73 -3.52
C GLY D 220 64.29 -22.06 -4.18
N ASN D 221 63.24 -21.97 -3.39
CA ASN D 221 61.87 -22.22 -3.88
C ASN D 221 61.15 -20.90 -4.27
N LEU D 222 61.87 -19.77 -4.36
CA LEU D 222 61.22 -18.51 -4.76
C LEU D 222 60.73 -18.65 -6.18
N ASP D 223 59.51 -18.21 -6.44
CA ASP D 223 58.88 -18.36 -7.73
C ASP D 223 59.16 -17.07 -8.51
N LEU D 224 60.18 -17.12 -9.36
CA LEU D 224 60.61 -15.96 -10.10
C LEU D 224 60.23 -16.09 -11.58
N PRO D 225 59.85 -14.99 -12.20
CA PRO D 225 59.45 -15.07 -13.59
C PRO D 225 60.59 -15.20 -14.56
N VAL D 226 60.27 -15.82 -15.68
CA VAL D 226 61.17 -15.94 -16.80
C VAL D 226 61.39 -14.55 -17.39
N ILE D 227 62.63 -14.28 -17.79
CA ILE D 227 63.03 -13.01 -18.45
C ILE D 227 63.42 -13.30 -19.88
N ARG D 228 62.96 -12.46 -20.80
CA ARG D 228 63.43 -12.56 -22.18
C ARG D 228 64.60 -11.61 -22.40
N ILE D 229 65.66 -12.12 -23.04
CA ILE D 229 66.91 -11.39 -23.27
C ILE D 229 66.97 -11.02 -24.74
N VAL D 230 66.95 -9.73 -25.07
CA VAL D 230 66.93 -9.30 -26.47
C VAL D 230 68.33 -8.78 -26.80
N PRO D 231 69.08 -9.52 -27.65
CA PRO D 231 70.46 -9.08 -27.83
C PRO D 231 70.65 -7.83 -28.72
N ALA D 232 71.74 -7.11 -28.40
CA ALA D 232 72.23 -5.91 -29.12
C ALA D 232 72.40 -6.19 -30.62
N THR D 247 71.28 -4.31 -25.46
CA THR D 247 70.58 -5.45 -24.87
C THR D 247 69.42 -5.02 -23.97
N GLN D 248 68.36 -5.82 -23.93
CA GLN D 248 67.18 -5.51 -23.10
C GLN D 248 66.86 -6.75 -22.32
N TYR D 249 66.45 -6.59 -21.06
CA TYR D 249 65.92 -7.67 -20.25
C TYR D 249 64.42 -7.43 -20.15
N LEU D 250 63.61 -8.39 -20.56
CA LEU D 250 62.20 -8.10 -20.76
C LEU D 250 61.26 -8.96 -19.84
N ILE D 251 60.48 -8.27 -19.01
CA ILE D 251 59.42 -8.86 -18.22
C ILE D 251 58.15 -8.06 -18.44
N PRO D 252 57.03 -8.70 -18.72
CA PRO D 252 56.83 -10.12 -18.97
C PRO D 252 57.62 -10.65 -20.16
N CYS D 253 58.03 -11.90 -20.06
CA CYS D 253 58.84 -12.53 -21.12
C CYS D 253 58.02 -12.80 -22.38
N GLY D 254 56.69 -12.74 -22.23
CA GLY D 254 55.79 -12.84 -23.37
C GLY D 254 55.30 -14.23 -23.71
N LEU D 255 55.64 -15.20 -22.85
CA LEU D 255 55.07 -16.53 -22.95
C LEU D 255 53.81 -16.62 -22.09
N THR D 256 52.97 -17.63 -22.33
CA THR D 256 51.81 -17.88 -21.43
C THR D 256 52.24 -18.34 -20.04
N ALA D 257 51.41 -18.09 -19.02
CA ALA D 257 51.69 -18.58 -17.62
C ALA D 257 51.90 -20.06 -17.58
N ASP D 258 51.09 -20.83 -18.30
CA ASP D 258 51.28 -22.27 -18.35
C ASP D 258 52.63 -22.66 -18.96
N GLU D 259 53.03 -22.04 -20.08
CA GLU D 259 54.36 -22.33 -20.64
C GLU D 259 55.48 -21.91 -19.71
N GLU D 260 55.32 -20.75 -19.09
CA GLU D 260 56.33 -20.26 -18.17
C GLU D 260 56.50 -21.24 -17.03
N ALA D 261 55.40 -21.70 -16.47
CA ALA D 261 55.39 -22.66 -15.35
C ALA D 261 56.10 -23.94 -15.73
N ARG D 262 55.82 -24.47 -16.91
CA ARG D 262 56.44 -25.74 -17.25
C ARG D 262 57.92 -25.56 -17.61
N LEU D 263 58.27 -24.44 -18.24
CA LEU D 263 59.67 -24.15 -18.52
C LEU D 263 60.50 -23.94 -17.27
N LYS D 264 59.90 -23.40 -16.22
CA LYS D 264 60.66 -23.22 -14.97
C LYS D 264 61.02 -24.52 -14.26
N VAL D 265 60.10 -25.49 -14.30
CA VAL D 265 60.34 -26.79 -13.73
C VAL D 265 61.49 -27.49 -14.51
N LEU D 266 61.44 -27.34 -15.82
CA LEU D 266 62.41 -27.97 -16.69
C LEU D 266 63.78 -27.32 -16.53
N ALA D 267 63.78 -25.98 -16.39
CA ALA D 267 65.03 -25.21 -16.18
C ALA D 267 65.68 -25.63 -14.87
N ARG D 268 64.84 -25.81 -13.85
CA ARG D 268 65.36 -26.20 -12.54
C ARG D 268 66.00 -27.61 -12.63
N ARG D 269 65.41 -28.47 -13.45
CA ARG D 269 65.95 -29.82 -13.60
C ARG D 269 67.30 -29.81 -14.37
N ALA D 270 67.36 -28.98 -15.39
CA ALA D 270 68.59 -28.76 -16.16
C ALA D 270 69.75 -28.32 -15.27
N PHE D 271 69.42 -27.45 -14.32
CA PHE D 271 70.33 -26.97 -13.33
C PHE D 271 70.72 -28.08 -12.34
N ASP D 272 69.73 -28.70 -11.72
CA ASP D 272 70.00 -29.69 -10.67
C ASP D 272 70.79 -30.92 -11.14
N VAL D 273 70.52 -31.43 -12.36
CA VAL D 273 71.18 -32.65 -12.81
C VAL D 273 72.69 -32.45 -12.95
N LEU D 274 73.16 -31.21 -13.10
CA LEU D 274 74.62 -30.93 -13.19
C LEU D 274 75.32 -30.86 -11.84
N GLY D 275 74.59 -31.00 -10.73
CA GLY D 275 75.14 -30.85 -9.39
C GLY D 275 75.03 -29.44 -8.86
N CYS D 276 74.41 -28.54 -9.62
CA CYS D 276 74.25 -27.16 -9.18
C CYS D 276 73.13 -27.14 -8.20
N THR D 277 73.23 -26.26 -7.20
CA THR D 277 72.15 -26.19 -6.20
C THR D 277 71.83 -24.74 -5.90
N ASP D 278 70.54 -24.46 -5.66
CA ASP D 278 70.10 -23.36 -4.79
C ASP D 278 70.01 -22.00 -5.48
N TRP D 279 70.99 -21.65 -6.29
CA TRP D 279 71.15 -20.30 -6.72
C TRP D 279 71.83 -20.23 -8.03
N GLY D 280 71.18 -19.63 -9.03
CA GLY D 280 71.79 -19.48 -10.35
C GLY D 280 70.77 -19.14 -11.41
N ARG D 281 71.14 -19.41 -12.67
CA ARG D 281 70.25 -19.20 -13.83
C ARG D 281 70.42 -20.31 -14.80
N ALA D 282 69.37 -20.61 -15.55
CA ALA D 282 69.47 -21.51 -16.70
C ALA D 282 68.97 -20.74 -17.91
N ASP D 283 69.80 -20.64 -18.93
CA ASP D 283 69.46 -19.93 -20.15
C ASP D 283 68.97 -20.90 -21.21
N PHE D 284 68.01 -20.46 -22.02
CA PHE D 284 67.46 -21.28 -23.09
C PHE D 284 66.94 -20.48 -24.26
N MET D 285 66.85 -21.14 -25.42
CA MET D 285 66.24 -20.60 -26.63
C MET D 285 64.92 -21.29 -26.79
N LEU D 286 64.00 -20.64 -27.49
CA LEU D 286 62.80 -21.28 -27.97
C LEU D 286 62.90 -21.26 -29.48
N ASP D 287 62.43 -22.32 -30.14
CA ASP D 287 62.28 -22.32 -31.59
C ASP D 287 60.92 -21.71 -31.97
N ALA D 288 60.61 -21.73 -33.26
CA ALA D 288 59.42 -21.05 -33.79
C ALA D 288 58.09 -21.64 -33.28
N ASP D 289 58.08 -22.91 -32.85
CA ASP D 289 56.88 -23.54 -32.25
C ASP D 289 56.91 -23.56 -30.72
N GLY D 290 57.88 -22.88 -30.10
CA GLY D 290 57.95 -22.83 -28.63
C GLY D 290 58.64 -23.98 -27.92
N ASN D 291 59.33 -24.86 -28.69
CA ASN D 291 60.16 -25.92 -28.08
C ASN D 291 61.42 -25.28 -27.48
N PRO D 292 61.71 -25.62 -26.21
CA PRO D 292 62.87 -25.06 -25.59
C PRO D 292 64.12 -25.85 -25.85
N TYR D 293 65.25 -25.14 -25.90
CA TYR D 293 66.59 -25.74 -25.93
C TYR D 293 67.54 -24.99 -24.98
N PHE D 294 67.99 -25.69 -23.93
CA PHE D 294 68.88 -25.13 -22.91
C PHE D 294 70.30 -24.96 -23.41
N LEU D 295 70.88 -23.80 -23.09
CA LEU D 295 72.15 -23.39 -23.64
C LEU D 295 73.23 -23.55 -22.61
N GLU D 296 72.99 -23.05 -21.40
CA GLU D 296 73.96 -23.17 -20.29
C GLU D 296 73.36 -22.74 -18.97
N VAL D 297 74.08 -22.99 -17.88
CA VAL D 297 73.71 -22.51 -16.56
C VAL D 297 74.76 -21.53 -16.06
N ASN D 298 74.41 -20.74 -15.07
CA ASN D 298 75.29 -19.76 -14.45
C ASN D 298 75.11 -19.95 -12.98
N THR D 299 76.20 -20.23 -12.29
CA THR D 299 76.16 -20.59 -10.88
C THR D 299 76.58 -19.44 -9.95
N ALA D 300 76.84 -18.25 -10.53
CA ALA D 300 77.31 -17.08 -9.79
C ALA D 300 76.72 -15.80 -10.47
N PRO D 301 75.40 -15.62 -10.41
CA PRO D 301 74.74 -14.51 -11.09
C PRO D 301 75.02 -13.13 -10.50
N GLY D 302 74.96 -12.10 -11.35
CA GLY D 302 75.16 -10.74 -10.95
C GLY D 302 74.14 -10.32 -9.91
N MET D 303 74.57 -9.49 -8.99
CA MET D 303 73.67 -8.91 -8.00
C MET D 303 73.85 -7.41 -7.95
N THR D 304 74.20 -6.84 -9.10
CA THR D 304 74.15 -5.37 -9.26
C THR D 304 72.66 -4.94 -9.38
N ASP D 305 72.42 -3.66 -9.29
CA ASP D 305 71.06 -3.15 -9.43
C ASP D 305 70.42 -3.40 -10.82
N HIS D 306 71.29 -3.59 -11.82
CA HIS D 306 70.86 -3.88 -13.18
C HIS D 306 70.94 -5.34 -13.53
N SER D 307 71.17 -6.22 -12.58
CA SER D 307 71.39 -7.65 -12.91
C SER D 307 70.04 -8.36 -13.01
N LEU D 308 70.04 -9.54 -13.59
CA LEU D 308 68.84 -10.30 -13.82
C LEU D 308 68.05 -10.69 -12.53
N PRO D 309 68.69 -11.30 -11.52
CA PRO D 309 67.89 -11.72 -10.39
C PRO D 309 67.18 -10.61 -9.59
N PRO D 310 67.82 -9.48 -9.34
CA PRO D 310 67.06 -8.40 -8.76
C PRO D 310 65.86 -7.98 -9.57
N LYS D 311 65.99 -8.01 -10.90
CA LYS D 311 64.88 -7.60 -11.76
C LYS D 311 63.75 -8.60 -11.68
N ALA D 312 64.09 -9.89 -11.71
CA ALA D 312 63.10 -10.91 -11.53
C ALA D 312 62.40 -10.76 -10.19
N ALA D 313 63.16 -10.60 -9.11
CA ALA D 313 62.58 -10.50 -7.77
C ALA D 313 61.66 -9.28 -7.69
N ARG D 314 62.12 -8.11 -8.14
CA ARG D 314 61.28 -6.92 -8.09
C ARG D 314 59.95 -7.06 -8.83
N ALA D 315 59.96 -7.77 -9.97
CA ALA D 315 58.75 -7.89 -10.78
C ALA D 315 57.64 -8.63 -10.06
N VAL D 316 57.96 -9.47 -9.07
CA VAL D 316 56.91 -10.10 -8.25
C VAL D 316 56.88 -9.59 -6.83
N GLY D 317 57.35 -8.37 -6.62
CA GLY D 317 57.25 -7.72 -5.29
C GLY D 317 58.21 -8.27 -4.25
N ILE D 318 59.31 -8.92 -4.65
CA ILE D 318 60.31 -9.37 -3.69
C ILE D 318 61.47 -8.39 -3.73
N SER D 319 61.76 -7.81 -2.60
CA SER D 319 62.74 -6.74 -2.58
C SER D 319 64.17 -7.30 -2.70
N TYR D 320 65.12 -6.43 -3.03
CA TYR D 320 66.49 -6.85 -3.14
C TYR D 320 66.96 -7.53 -1.86
N GLN D 321 66.71 -6.85 -0.75
CA GLN D 321 66.99 -7.38 0.55
C GLN D 321 66.44 -8.80 0.81
N GLU D 322 65.18 -9.02 0.51
CA GLU D 322 64.54 -10.31 0.73
C GLU D 322 65.21 -11.37 -0.12
N LEU D 323 65.60 -11.01 -1.34
CA LEU D 323 66.30 -11.92 -2.22
C LEU D 323 67.63 -12.39 -1.61
N VAL D 324 68.45 -11.44 -1.14
CA VAL D 324 69.78 -11.82 -0.59
C VAL D 324 69.63 -12.64 0.68
N VAL D 325 68.67 -12.27 1.55
CA VAL D 325 68.41 -13.04 2.77
C VAL D 325 67.94 -14.45 2.41
N ALA D 326 67.05 -14.57 1.45
CA ALA D 326 66.58 -15.91 1.05
C ALA D 326 67.68 -16.79 0.47
N VAL D 327 68.59 -16.22 -0.31
CA VAL D 327 69.68 -16.99 -0.89
C VAL D 327 70.70 -17.39 0.18
N LEU D 328 70.99 -16.50 1.14
CA LEU D 328 71.82 -16.86 2.28
C LEU D 328 71.16 -17.90 3.16
N ALA D 329 69.83 -17.84 3.30
CA ALA D 329 69.07 -18.81 4.14
C ALA D 329 69.28 -20.25 3.74
N LEU D 330 69.53 -20.49 2.46
CA LEU D 330 69.76 -21.87 1.98
C LEU D 330 71.02 -22.49 2.53
N THR D 331 71.98 -21.68 2.99
CA THR D 331 73.19 -22.19 3.66
C THR D 331 72.96 -22.63 5.12
N LEU D 332 71.78 -22.34 5.67
CA LEU D 332 71.36 -22.87 6.96
C LEU D 332 70.96 -24.35 6.88
N LYS D 333 70.53 -24.79 5.71
CA LYS D 333 70.19 -26.22 5.41
C LYS D 333 71.45 -27.07 5.54
#